data_8V5T
#
_entry.id   8V5T
#
_cell.length_a   205.137
_cell.length_b   60.566
_cell.length_c   111.501
_cell.angle_alpha   90.000
_cell.angle_beta   98.720
_cell.angle_gamma   90.000
#
_symmetry.space_group_name_H-M   'C 1 2 1'
#
loop_
_entity.id
_entity.type
_entity.pdbx_description
1 polymer "5'-3' exonuclease PLD3"
2 branched 2-acetamido-2-deoxy-beta-D-glucopyranose-(1-4)-2-acetamido-2-deoxy-beta-D-glucopyranose
3 non-polymer 'SULFATE ION'
4 non-polymer GLYCEROL
5 water water
#
_entity_poly.entity_id   1
_entity_poly.type   'polypeptide(L)'
_entity_poly.pdbx_seq_one_letter_code
;MKPKLMYQELKVPAEEPANELPMNEIEAWKAAEKKARWVLLVLILAVVGFGALMTQLFLWEYGDLHLFGPNQRPAPCYDP
CEAVLVESIPEGLDFPNASTGNPSTSQAWLGLLAGAHSSLDIASFYWTLTNNDTHTQEPSAQQGEEVLRQLQTLAPKGVN
VRIAVSKPSGPQPQADLQALLQSGAQVRMVDMQKLTHGVLHTKFWVVDQTHFYLGSANMDWRSLTQVKELGVVMYNCSCL
ARDLTKIFEAYWFLGQAGSSIPSTWPRFYDTRYNQETPMEICLNGTPALAYLASAPPPLCPSGRTPDLKALLNVVDNARS
FIYVAVMNYLPTLEFSHPHRFWPAIDDGLRRATYERGVKVRLLISCWGHSEPSMRAFLLSLAALRDNHTHSDIQVKLFVV
PADEAQARIPYARVNHNKYMVTERATYIGTSNWSGNYFTETAGTSLLVTQNGRGGLRSQLEAIFLRDWDSPYSHDLDTSA
DSVGNACRLL
;
_entity_poly.pdbx_strand_id   A,B
#
loop_
_chem_comp.id
_chem_comp.type
_chem_comp.name
_chem_comp.formula
GOL non-polymer GLYCEROL 'C3 H8 O3'
NAG D-saccharide, beta linking 2-acetamido-2-deoxy-beta-D-glucopyranose 'C8 H15 N O6'
SO4 non-polymer 'SULFATE ION' 'O4 S -2'
#
# COMPACT_ATOMS: atom_id res chain seq x y z
N GLN A 72 -7.27 36.39 2.82
CA GLN A 72 -7.09 35.05 3.36
C GLN A 72 -8.28 34.11 3.03
N ARG A 73 -9.36 34.20 3.82
CA ARG A 73 -10.57 33.39 3.75
C ARG A 73 -11.60 34.02 2.81
N PRO A 74 -12.21 33.24 1.92
CA PRO A 74 -13.20 33.78 0.98
C PRO A 74 -14.51 34.12 1.68
N ALA A 75 -15.38 34.76 0.91
CA ALA A 75 -16.61 35.30 1.47
C ALA A 75 -17.56 34.18 1.91
N PRO A 76 -18.24 34.35 3.05
CA PRO A 76 -19.26 33.37 3.44
C PRO A 76 -20.49 33.50 2.57
N CYS A 77 -21.31 32.47 2.62
CA CYS A 77 -22.58 32.45 1.91
C CYS A 77 -23.69 32.72 2.90
N TYR A 78 -24.67 33.52 2.46
CA TYR A 78 -25.77 33.94 3.32
C TYR A 78 -27.08 33.21 3.04
N ASP A 79 -27.11 32.36 2.01
CA ASP A 79 -28.33 31.63 1.67
C ASP A 79 -28.74 30.67 2.79
N PRO A 80 -30.04 30.40 2.92
CA PRO A 80 -30.52 29.43 3.94
C PRO A 80 -30.54 28.01 3.37
N CYS A 81 -29.36 27.38 3.31
CA CYS A 81 -29.22 26.08 2.68
C CYS A 81 -29.86 25.00 3.54
N GLU A 82 -30.56 24.06 2.89
CA GLU A 82 -31.15 22.91 3.55
C GLU A 82 -30.84 21.69 2.71
N ALA A 83 -30.22 20.70 3.33
CA ALA A 83 -29.86 19.45 2.68
C ALA A 83 -30.84 18.33 3.06
N VAL A 84 -31.13 17.46 2.10
CA VAL A 84 -31.98 16.30 2.28
C VAL A 84 -31.30 15.11 1.59
N LEU A 85 -31.01 14.06 2.34
CA LEU A 85 -30.60 12.80 1.74
C LEU A 85 -31.80 12.18 1.03
N VAL A 86 -31.63 11.78 -0.23
CA VAL A 86 -32.71 11.12 -0.96
C VAL A 86 -32.23 9.77 -1.48
N GLU A 87 -33.12 8.77 -1.38
CA GLU A 87 -32.79 7.38 -1.64
C GLU A 87 -33.75 6.80 -2.65
N SER A 88 -33.26 5.83 -3.41
CA SER A 88 -34.11 4.88 -4.08
C SER A 88 -34.02 3.57 -3.32
N ILE A 89 -35.16 3.06 -2.88
CA ILE A 89 -35.25 1.75 -2.27
C ILE A 89 -35.95 0.82 -3.25
N PRO A 90 -35.26 -0.16 -3.82
CA PRO A 90 -35.90 -1.03 -4.82
C PRO A 90 -37.10 -1.79 -4.26
N GLU A 91 -38.05 -2.09 -5.14
CA GLU A 91 -39.25 -2.81 -4.74
C GLU A 91 -38.91 -4.12 -4.03
N GLY A 92 -39.45 -4.29 -2.84
CA GLY A 92 -39.29 -5.52 -2.10
C GLY A 92 -38.19 -5.50 -1.08
N LEU A 93 -37.42 -4.42 -1.02
CA LEU A 93 -36.35 -4.28 -0.03
C LEU A 93 -36.93 -3.57 1.18
N ASP A 94 -37.06 -4.28 2.30
CA ASP A 94 -37.73 -3.77 3.49
C ASP A 94 -36.76 -3.56 4.63
N PHE A 95 -36.93 -2.44 5.33
CA PHE A 95 -36.12 -2.13 6.48
C PHE A 95 -37.05 -1.90 7.65
N PRO A 96 -37.02 -2.74 8.68
CA PRO A 96 -37.89 -2.53 9.84
C PRO A 96 -37.75 -1.13 10.45
N ASN A 97 -38.87 -0.39 10.50
CA ASN A 97 -38.95 0.99 10.98
C ASN A 97 -37.85 1.91 10.43
N GLY A 101 -36.87 7.23 7.42
CA GLY A 101 -37.68 7.63 6.29
C GLY A 101 -37.31 8.97 5.69
N ASN A 102 -36.92 8.95 4.42
CA ASN A 102 -36.50 10.11 3.65
C ASN A 102 -37.27 10.16 2.34
N PRO A 103 -37.41 11.34 1.72
CA PRO A 103 -38.05 11.39 0.40
C PRO A 103 -37.26 10.62 -0.64
N SER A 104 -37.98 10.13 -1.63
CA SER A 104 -37.37 9.27 -2.64
C SER A 104 -36.77 10.11 -3.76
N THR A 105 -35.80 9.52 -4.44
CA THR A 105 -35.23 10.18 -5.61
C THR A 105 -36.32 10.68 -6.56
N SER A 106 -37.30 9.82 -6.84
CA SER A 106 -38.41 10.14 -7.72
C SER A 106 -39.22 11.34 -7.20
N GLN A 107 -39.60 11.34 -5.92
CA GLN A 107 -40.32 12.48 -5.37
C GLN A 107 -39.48 13.75 -5.43
N ALA A 108 -38.21 13.67 -4.99
CA ALA A 108 -37.34 14.83 -4.98
C ALA A 108 -37.16 15.41 -6.38
N TRP A 109 -37.00 14.54 -7.38
CA TRP A 109 -36.78 14.99 -8.75
C TRP A 109 -38.02 15.68 -9.33
N LEU A 110 -39.19 15.03 -9.19
CA LEU A 110 -40.44 15.59 -9.68
C LEU A 110 -40.72 16.95 -9.04
N GLY A 111 -40.33 17.12 -7.77
CA GLY A 111 -40.48 18.40 -7.09
C GLY A 111 -39.48 19.45 -7.54
N LEU A 112 -38.28 19.02 -7.97
CA LEU A 112 -37.33 19.97 -8.54
C LEU A 112 -37.79 20.46 -9.91
N LEU A 113 -38.41 19.57 -10.70
CA LEU A 113 -38.95 19.94 -12.00
C LEU A 113 -40.17 20.85 -11.86
N ALA A 114 -41.09 20.49 -10.97
CA ALA A 114 -42.33 21.25 -10.80
C ALA A 114 -42.05 22.71 -10.43
N GLY A 115 -40.95 22.97 -9.71
CA GLY A 115 -40.61 24.30 -9.26
C GLY A 115 -39.52 24.99 -10.04
N ALA A 116 -39.15 24.47 -11.21
CA ALA A 116 -38.14 25.10 -12.05
C ALA A 116 -38.76 26.23 -12.86
N HIS A 117 -38.23 27.44 -12.72
CA HIS A 117 -38.71 28.57 -13.51
C HIS A 117 -37.71 29.12 -14.52
N SER A 118 -36.39 28.81 -14.42
CA SER A 118 -35.47 29.42 -15.39
C SER A 118 -34.46 28.47 -16.00
N SER A 119 -33.79 27.62 -15.22
CA SER A 119 -32.73 26.82 -15.82
C SER A 119 -32.65 25.44 -15.16
N LEU A 120 -32.21 24.47 -15.97
CA LEU A 120 -31.95 23.11 -15.52
C LEU A 120 -30.71 22.59 -16.23
N ASP A 121 -29.66 22.27 -15.46
CA ASP A 121 -28.47 21.65 -15.99
C ASP A 121 -28.41 20.22 -15.47
N ILE A 122 -28.19 19.27 -16.37
CA ILE A 122 -28.03 17.88 -15.99
C ILE A 122 -26.73 17.38 -16.58
N ALA A 123 -25.79 16.98 -15.71
CA ALA A 123 -24.69 16.10 -16.05
C ALA A 123 -25.15 14.65 -15.91
N SER A 124 -24.87 13.83 -16.92
CA SER A 124 -25.45 12.50 -16.98
C SER A 124 -24.53 11.51 -17.70
N PHE A 125 -24.66 10.24 -17.33
CA PHE A 125 -23.90 9.14 -17.91
C PHE A 125 -24.63 8.51 -19.10
N TYR A 126 -25.92 8.22 -18.95
CA TYR A 126 -26.77 7.67 -20.02
C TYR A 126 -28.22 7.91 -19.67
N TRP A 127 -29.10 7.75 -20.66
CA TRP A 127 -30.54 7.92 -20.49
C TRP A 127 -31.28 6.65 -20.93
N THR A 128 -32.01 6.01 -20.00
CA THR A 128 -32.96 4.92 -20.28
C THR A 128 -34.14 5.11 -19.31
N LEU A 129 -35.04 6.03 -19.67
CA LEU A 129 -36.13 6.37 -18.78
C LEU A 129 -37.43 5.62 -19.08
N THR A 130 -37.51 4.92 -20.21
CA THR A 130 -38.73 4.24 -20.64
C THR A 130 -38.48 2.75 -20.76
N ASN A 131 -39.59 2.00 -20.70
CA ASN A 131 -39.57 0.58 -21.03
C ASN A 131 -39.04 0.34 -22.44
N ASN A 132 -39.42 1.20 -23.38
CA ASN A 132 -38.92 1.05 -24.74
C ASN A 132 -37.39 1.07 -24.78
N ASP A 133 -36.76 1.89 -23.92
CA ASP A 133 -35.29 1.98 -23.95
C ASP A 133 -34.62 0.69 -23.50
N THR A 134 -35.26 -0.06 -22.60
CA THR A 134 -34.70 -1.28 -22.04
C THR A 134 -35.31 -2.56 -22.59
N HIS A 135 -36.29 -2.45 -23.51
CA HIS A 135 -36.93 -3.60 -24.14
C HIS A 135 -37.58 -4.51 -23.10
N THR A 136 -38.30 -3.88 -22.17
CA THR A 136 -39.00 -4.55 -21.09
C THR A 136 -40.44 -4.05 -21.09
N GLN A 137 -41.30 -4.72 -20.32
CA GLN A 137 -42.66 -4.26 -20.05
C GLN A 137 -42.82 -4.32 -18.55
N GLU A 138 -42.23 -3.37 -17.85
CA GLU A 138 -42.31 -3.42 -16.40
C GLU A 138 -43.16 -2.27 -15.88
N PRO A 139 -44.16 -2.56 -15.05
CA PRO A 139 -44.94 -1.44 -14.48
C PRO A 139 -44.08 -0.51 -13.65
N SER A 140 -42.98 -1.00 -13.09
CA SER A 140 -42.17 -0.16 -12.23
C SER A 140 -41.31 0.82 -13.02
N ALA A 141 -41.40 0.82 -14.35
CA ALA A 141 -40.79 1.85 -15.18
C ALA A 141 -41.62 3.12 -15.28
N GLN A 142 -42.83 3.15 -14.66
CA GLN A 142 -43.73 4.30 -14.79
C GLN A 142 -43.13 5.57 -14.20
N GLN A 143 -42.46 5.46 -13.04
CA GLN A 143 -41.86 6.66 -12.44
C GLN A 143 -40.80 7.27 -13.35
N GLY A 144 -39.99 6.44 -14.03
CA GLY A 144 -39.04 6.96 -14.99
C GLY A 144 -39.70 7.61 -16.19
N GLU A 145 -40.84 7.07 -16.65
CA GLU A 145 -41.55 7.62 -17.80
C GLU A 145 -42.27 8.92 -17.44
N GLU A 146 -42.73 9.03 -16.20
CA GLU A 146 -43.27 10.30 -15.72
C GLU A 146 -42.17 11.35 -15.56
N VAL A 147 -40.95 10.95 -15.18
CA VAL A 147 -39.85 11.91 -15.12
C VAL A 147 -39.54 12.46 -16.51
N LEU A 148 -39.50 11.59 -17.53
CA LEU A 148 -39.25 12.05 -18.91
C LEU A 148 -40.36 12.99 -19.40
N ARG A 149 -41.62 12.68 -19.09
CA ARG A 149 -42.74 13.53 -19.52
C ARG A 149 -42.65 14.93 -18.90
N GLN A 150 -42.27 15.01 -17.62
CA GLN A 150 -42.13 16.31 -16.98
C GLN A 150 -40.96 17.11 -17.57
N LEU A 151 -39.83 16.45 -17.82
CA LEU A 151 -38.69 17.13 -18.43
C LEU A 151 -39.05 17.73 -19.78
N GLN A 152 -39.94 17.09 -20.53
CA GLN A 152 -40.33 17.57 -21.85
C GLN A 152 -41.19 18.83 -21.78
N THR A 153 -41.73 19.18 -20.61
CA THR A 153 -42.55 20.38 -20.47
C THR A 153 -41.73 21.60 -20.11
N LEU A 154 -40.42 21.45 -19.88
CA LEU A 154 -39.63 22.53 -19.30
C LEU A 154 -39.23 23.58 -20.34
N ALA A 155 -38.56 23.16 -21.41
CA ALA A 155 -38.21 24.12 -22.46
C ALA A 155 -39.42 24.84 -23.04
N PRO A 156 -40.52 24.16 -23.40
CA PRO A 156 -41.69 24.87 -23.92
C PRO A 156 -42.21 25.97 -23.00
N LYS A 157 -42.16 25.80 -21.67
CA LYS A 157 -42.59 26.84 -20.75
C LYS A 157 -41.49 27.85 -20.42
N GLY A 158 -40.36 27.80 -21.12
CA GLY A 158 -39.35 28.83 -21.02
C GLY A 158 -38.12 28.49 -20.20
N VAL A 159 -38.03 27.28 -19.63
CA VAL A 159 -36.87 26.88 -18.84
C VAL A 159 -35.73 26.49 -19.78
N ASN A 160 -34.55 27.07 -19.55
CA ASN A 160 -33.37 26.71 -20.34
C ASN A 160 -32.81 25.39 -19.81
N VAL A 161 -32.94 24.34 -20.61
CA VAL A 161 -32.48 23.00 -20.26
C VAL A 161 -31.19 22.74 -21.02
N ARG A 162 -30.15 22.36 -20.30
CA ARG A 162 -28.87 21.92 -20.87
C ARG A 162 -28.53 20.55 -20.29
N ILE A 163 -28.26 19.59 -21.17
CA ILE A 163 -27.96 18.23 -20.77
C ILE A 163 -26.63 17.82 -21.36
N ALA A 164 -25.66 17.53 -20.49
CA ALA A 164 -24.41 16.93 -20.87
C ALA A 164 -24.49 15.43 -20.61
N VAL A 165 -24.15 14.64 -21.62
CA VAL A 165 -24.19 13.19 -21.51
C VAL A 165 -22.92 12.59 -22.09
N SER A 166 -22.45 11.49 -21.47
CA SER A 166 -21.29 10.74 -21.94
C SER A 166 -21.50 10.19 -23.34
N LYS A 167 -20.49 10.33 -24.18
CA LYS A 167 -20.56 9.73 -25.51
C LYS A 167 -20.49 8.21 -25.39
N PRO A 168 -21.47 7.46 -25.87
CA PRO A 168 -21.36 5.99 -25.84
C PRO A 168 -20.21 5.52 -26.71
N SER A 169 -19.71 4.31 -26.41
CA SER A 169 -18.54 3.80 -27.11
C SER A 169 -18.88 3.36 -28.53
N GLY A 170 -20.08 2.82 -28.74
CA GLY A 170 -20.54 2.53 -30.08
C GLY A 170 -21.78 3.34 -30.43
N PRO A 171 -22.44 2.99 -31.53
CA PRO A 171 -23.73 3.63 -31.84
C PRO A 171 -24.79 3.10 -30.90
N GLN A 172 -25.61 4.00 -30.37
CA GLN A 172 -26.69 3.59 -29.49
C GLN A 172 -27.92 4.46 -29.75
N PRO A 173 -29.11 3.88 -29.67
CA PRO A 173 -30.34 4.67 -29.80
C PRO A 173 -30.47 5.67 -28.65
N GLN A 174 -31.00 6.85 -28.96
CA GLN A 174 -31.06 7.96 -28.00
C GLN A 174 -32.46 8.57 -27.98
N ALA A 175 -33.45 7.72 -27.70
CA ALA A 175 -34.85 8.14 -27.80
C ALA A 175 -35.18 9.26 -26.79
N ASP A 176 -34.72 9.12 -25.54
CA ASP A 176 -35.00 10.15 -24.54
C ASP A 176 -34.41 11.49 -24.94
N LEU A 177 -33.15 11.48 -25.35
CA LEU A 177 -32.52 12.74 -25.70
C LEU A 177 -33.16 13.35 -26.93
N GLN A 178 -33.54 12.52 -27.92
CA GLN A 178 -34.25 13.05 -29.08
C GLN A 178 -35.53 13.75 -28.64
N ALA A 179 -36.31 13.10 -27.79
CA ALA A 179 -37.57 13.69 -27.32
C ALA A 179 -37.32 15.01 -26.61
N LEU A 180 -36.21 15.12 -25.89
CA LEU A 180 -35.94 16.38 -25.20
C LEU A 180 -35.42 17.43 -26.16
N LEU A 181 -34.64 17.03 -27.17
CA LEU A 181 -34.26 17.97 -28.23
C LEU A 181 -35.49 18.50 -28.95
N GLN A 182 -36.38 17.57 -29.33
CA GLN A 182 -37.63 17.94 -29.98
C GLN A 182 -38.41 18.92 -29.12
N SER A 183 -38.35 18.77 -27.79
CA SER A 183 -39.03 19.65 -26.85
C SER A 183 -38.34 20.99 -26.66
N GLY A 184 -37.11 21.16 -27.15
CA GLY A 184 -36.40 22.43 -27.06
C GLY A 184 -35.18 22.45 -26.15
N ALA A 185 -34.90 21.35 -25.46
CA ALA A 185 -33.72 21.26 -24.62
C ALA A 185 -32.45 21.20 -25.49
N GLN A 186 -31.35 21.71 -24.94
CA GLN A 186 -30.04 21.59 -25.55
C GLN A 186 -29.28 20.39 -24.97
N VAL A 187 -28.59 19.66 -25.85
CA VAL A 187 -27.97 18.39 -25.50
C VAL A 187 -26.59 18.35 -26.15
N ARG A 188 -25.57 18.05 -25.36
CA ARG A 188 -24.23 17.87 -25.87
C ARG A 188 -23.67 16.54 -25.36
N MET A 189 -23.15 15.74 -26.30
CA MET A 189 -22.38 14.54 -26.00
C MET A 189 -20.94 14.95 -25.70
N VAL A 190 -20.36 14.39 -24.63
CA VAL A 190 -19.00 14.68 -24.21
C VAL A 190 -18.16 13.44 -24.42
N ASP A 191 -17.09 13.58 -25.20
CA ASP A 191 -16.23 12.47 -25.61
C ASP A 191 -15.00 12.46 -24.70
N MET A 192 -15.21 12.00 -23.46
CA MET A 192 -14.11 11.89 -22.51
C MET A 192 -13.07 10.87 -22.93
N GLN A 193 -13.45 9.90 -23.77
CA GLN A 193 -12.48 8.96 -24.30
C GLN A 193 -11.40 9.69 -25.08
N LYS A 194 -11.81 10.56 -26.02
CA LYS A 194 -10.86 11.42 -26.74
C LYS A 194 -10.05 12.27 -25.79
N LEU A 195 -10.72 12.90 -24.81
CA LEU A 195 -10.06 13.88 -23.96
C LEU A 195 -9.17 13.26 -22.90
N THR A 196 -9.60 12.19 -22.22
CA THR A 196 -8.84 11.71 -21.07
C THR A 196 -8.72 10.19 -21.00
N HIS A 197 -9.25 9.47 -21.97
CA HIS A 197 -9.41 8.02 -21.92
C HIS A 197 -10.39 7.57 -20.83
N GLY A 198 -11.31 8.44 -20.41
CA GLY A 198 -12.30 8.09 -19.41
C GLY A 198 -13.71 8.29 -19.92
N VAL A 199 -14.72 8.33 -19.02
CA VAL A 199 -16.09 8.63 -19.42
C VAL A 199 -16.62 9.78 -18.57
N LEU A 200 -17.71 10.39 -19.04
CA LEU A 200 -18.46 11.34 -18.24
C LEU A 200 -19.42 10.55 -17.34
N HIS A 201 -19.01 10.32 -16.10
CA HIS A 201 -19.75 9.44 -15.21
C HIS A 201 -20.61 10.19 -14.20
N THR A 202 -20.40 11.49 -14.05
CA THR A 202 -21.03 12.22 -12.94
C THR A 202 -22.53 12.27 -13.16
N LYS A 203 -23.26 12.33 -12.05
CA LYS A 203 -24.71 12.54 -12.10
C LYS A 203 -25.02 13.71 -11.17
N PHE A 204 -25.52 14.80 -11.75
CA PHE A 204 -26.02 15.88 -10.93
C PHE A 204 -26.98 16.74 -11.75
N TRP A 205 -27.78 17.50 -11.03
CA TRP A 205 -28.77 18.43 -11.55
C TRP A 205 -28.55 19.75 -10.86
N VAL A 206 -28.61 20.84 -11.60
CA VAL A 206 -28.64 22.17 -10.99
C VAL A 206 -29.87 22.87 -11.50
N VAL A 207 -30.70 23.35 -10.57
CA VAL A 207 -31.99 23.94 -10.87
C VAL A 207 -31.98 25.41 -10.48
N ASP A 208 -32.27 26.27 -11.46
CA ASP A 208 -32.44 27.72 -11.26
C ASP A 208 -31.25 28.35 -10.54
N GLN A 209 -30.07 27.75 -10.68
CA GLN A 209 -28.88 28.23 -9.98
C GLN A 209 -29.13 28.35 -8.48
N THR A 210 -29.94 27.45 -7.92
CA THR A 210 -30.36 27.58 -6.52
C THR A 210 -30.32 26.24 -5.79
N HIS A 211 -30.84 25.19 -6.43
CA HIS A 211 -30.88 23.86 -5.87
C HIS A 211 -30.08 22.89 -6.73
N PHE A 212 -29.54 21.84 -6.10
CA PHE A 212 -28.94 20.77 -6.89
C PHE A 212 -29.15 19.39 -6.29
N TYR A 213 -29.17 18.40 -7.18
CA TYR A 213 -29.07 17.00 -6.81
C TYR A 213 -27.67 16.51 -7.16
N LEU A 214 -26.98 15.91 -6.20
CA LEU A 214 -25.76 15.17 -6.46
C LEU A 214 -25.93 13.80 -5.82
N GLY A 215 -25.67 12.72 -6.57
CA GLY A 215 -25.70 11.39 -6.00
C GLY A 215 -25.49 10.32 -7.06
N SER A 216 -25.95 9.09 -6.75
CA SER A 216 -25.64 7.91 -7.56
C SER A 216 -26.67 7.61 -8.64
N ALA A 217 -27.86 8.22 -8.60
CA ALA A 217 -28.94 7.82 -9.51
C ALA A 217 -28.68 8.34 -10.93
N ASN A 218 -28.78 7.44 -11.92
CA ASN A 218 -28.68 7.80 -13.32
C ASN A 218 -30.03 8.27 -13.86
N MET A 219 -30.02 8.82 -15.09
CA MET A 219 -31.27 9.10 -15.79
C MET A 219 -31.85 7.79 -16.33
N ASP A 220 -32.37 6.99 -15.39
CA ASP A 220 -32.70 5.60 -15.68
C ASP A 220 -33.88 5.20 -14.82
N TRP A 221 -34.95 4.66 -15.44
CA TRP A 221 -36.11 4.25 -14.64
C TRP A 221 -35.72 3.19 -13.61
N ARG A 222 -34.78 2.30 -13.95
CA ARG A 222 -34.28 1.34 -12.96
C ARG A 222 -33.68 2.03 -11.75
N SER A 223 -33.18 3.26 -11.92
CA SER A 223 -32.62 4.01 -10.80
C SER A 223 -33.68 4.49 -9.83
N LEU A 224 -34.95 4.49 -10.22
CA LEU A 224 -36.00 4.89 -9.29
C LEU A 224 -36.61 3.74 -8.52
N THR A 225 -36.64 2.52 -9.08
CA THR A 225 -37.47 1.46 -8.51
C THR A 225 -36.79 0.12 -8.37
N GLN A 226 -35.70 -0.15 -9.10
CA GLN A 226 -35.09 -1.47 -9.13
C GLN A 226 -33.65 -1.47 -8.62
N VAL A 227 -33.13 -0.35 -8.16
CA VAL A 227 -31.73 -0.19 -7.80
C VAL A 227 -31.71 0.65 -6.54
N LYS A 228 -30.84 0.33 -5.61
CA LYS A 228 -30.75 1.17 -4.42
C LYS A 228 -29.79 2.34 -4.69
N GLU A 229 -30.22 3.57 -4.38
CA GLU A 229 -29.50 4.80 -4.70
C GLU A 229 -29.38 5.69 -3.48
N LEU A 230 -28.33 6.53 -3.44
CA LEU A 230 -28.16 7.54 -2.41
C LEU A 230 -27.64 8.85 -3.00
N GLY A 231 -28.36 9.94 -2.74
CA GLY A 231 -27.97 11.25 -3.19
C GLY A 231 -28.33 12.26 -2.13
N VAL A 232 -27.97 13.51 -2.39
CA VAL A 232 -28.42 14.64 -1.60
C VAL A 232 -29.04 15.68 -2.52
N VAL A 233 -30.09 16.35 -2.04
CA VAL A 233 -30.62 17.56 -2.65
C VAL A 233 -30.31 18.72 -1.71
N MET A 234 -29.54 19.67 -2.20
CA MET A 234 -29.25 20.91 -1.51
C MET A 234 -30.28 21.92 -1.99
N TYR A 235 -31.12 22.42 -1.10
CA TYR A 235 -32.12 23.40 -1.44
C TYR A 235 -31.70 24.80 -0.99
N ASN A 236 -32.07 25.80 -1.80
CA ASN A 236 -31.95 27.22 -1.42
C ASN A 236 -30.49 27.56 -1.09
N CYS A 237 -29.59 27.16 -1.98
CA CYS A 237 -28.16 27.28 -1.72
C CYS A 237 -27.50 27.72 -3.03
N SER A 238 -27.78 28.96 -3.41
CA SER A 238 -27.38 29.44 -4.73
C SER A 238 -25.86 29.51 -4.86
N CYS A 239 -25.16 29.88 -3.79
CA CYS A 239 -23.71 29.91 -3.81
C CYS A 239 -23.11 28.58 -4.25
N LEU A 240 -23.50 27.51 -3.57
CA LEU A 240 -22.98 26.19 -3.86
C LEU A 240 -23.48 25.67 -5.21
N ALA A 241 -24.73 25.98 -5.58
CA ALA A 241 -25.24 25.58 -6.90
C ALA A 241 -24.46 26.26 -8.01
N ARG A 242 -24.14 27.54 -7.84
CA ARG A 242 -23.30 28.22 -8.83
C ARG A 242 -21.91 27.60 -8.89
N ASP A 243 -21.37 27.17 -7.75
CA ASP A 243 -20.10 26.44 -7.77
C ASP A 243 -20.21 25.16 -8.59
N LEU A 244 -21.36 24.48 -8.51
CA LEU A 244 -21.54 23.24 -9.24
C LEU A 244 -21.71 23.52 -10.73
N THR A 245 -22.43 24.59 -11.06
CA THR A 245 -22.55 25.01 -12.44
C THR A 245 -21.18 25.21 -13.11
N LYS A 246 -20.18 25.67 -12.35
CA LYS A 246 -18.84 25.79 -12.93
C LYS A 246 -18.32 24.46 -13.46
N ILE A 247 -18.49 23.39 -12.68
CA ILE A 247 -18.12 22.06 -13.16
C ILE A 247 -18.94 21.69 -14.39
N PHE A 248 -20.27 21.88 -14.33
CA PHE A 248 -21.09 21.65 -15.51
C PHE A 248 -20.54 22.40 -16.73
N GLU A 249 -20.14 23.67 -16.55
CA GLU A 249 -19.70 24.48 -17.69
C GLU A 249 -18.46 23.90 -18.36
N ALA A 250 -17.56 23.28 -17.60
CA ALA A 250 -16.45 22.57 -18.22
C ALA A 250 -16.96 21.40 -19.06
N TYR A 251 -17.96 20.64 -18.57
CA TYR A 251 -18.54 19.58 -19.41
C TYR A 251 -19.17 20.14 -20.67
N TRP A 252 -19.89 21.25 -20.52
CA TRP A 252 -20.58 21.89 -21.62
C TRP A 252 -19.59 22.39 -22.69
N PHE A 253 -18.48 22.97 -22.25
CA PHE A 253 -17.44 23.41 -23.19
C PHE A 253 -16.86 22.21 -23.96
N LEU A 254 -16.50 21.14 -23.25
CA LEU A 254 -15.89 19.97 -23.87
C LEU A 254 -16.84 19.19 -24.77
N GLY A 255 -18.15 19.40 -24.64
CA GLY A 255 -19.12 18.77 -25.51
C GLY A 255 -19.26 19.43 -26.87
N GLN A 256 -18.30 20.26 -27.23
CA GLN A 256 -18.33 20.96 -28.49
C GLN A 256 -17.30 20.38 -29.45
N ALA A 257 -17.65 20.41 -30.75
CA ALA A 257 -16.73 19.93 -31.78
C ALA A 257 -15.43 20.71 -31.71
N GLY A 258 -14.32 19.98 -31.77
CA GLY A 258 -13.02 20.60 -31.76
C GLY A 258 -12.51 20.96 -30.38
N SER A 259 -13.25 20.62 -29.33
CA SER A 259 -12.80 20.94 -27.99
C SER A 259 -11.57 20.10 -27.63
N SER A 260 -10.69 20.71 -26.85
CA SER A 260 -9.62 20.02 -26.13
C SER A 260 -9.51 20.66 -24.76
N ILE A 261 -8.73 20.03 -23.88
CA ILE A 261 -8.64 20.56 -22.53
C ILE A 261 -7.65 21.71 -22.56
N PRO A 262 -8.06 22.91 -22.16
CA PRO A 262 -7.13 24.05 -22.13
C PRO A 262 -6.01 23.80 -21.14
N SER A 263 -4.82 24.32 -21.49
CA SER A 263 -3.70 24.22 -20.56
C SER A 263 -4.02 24.91 -19.25
N THR A 264 -4.70 26.05 -19.32
CA THR A 264 -5.23 26.75 -18.16
C THR A 264 -6.68 27.07 -18.41
N TRP A 265 -7.54 26.68 -17.47
CA TRP A 265 -8.93 27.06 -17.56
C TRP A 265 -9.08 28.54 -17.23
N PRO A 266 -9.90 29.26 -17.97
CA PRO A 266 -10.17 30.68 -17.65
C PRO A 266 -10.75 30.84 -16.25
N ARG A 267 -10.68 32.08 -15.76
CA ARG A 267 -11.15 32.42 -14.42
C ARG A 267 -12.64 32.09 -14.23
N PHE A 268 -13.43 32.19 -15.31
CA PHE A 268 -14.86 31.88 -15.32
C PHE A 268 -15.16 30.51 -14.69
N TYR A 269 -14.21 29.56 -14.74
CA TYR A 269 -14.39 28.21 -14.22
C TYR A 269 -13.79 28.01 -12.84
N ASP A 270 -12.94 28.92 -12.37
CA ASP A 270 -12.21 28.70 -11.14
C ASP A 270 -13.07 29.02 -9.91
N THR A 271 -12.62 28.55 -8.75
CA THR A 271 -13.39 28.73 -7.53
C THR A 271 -12.45 29.08 -6.40
N ARG A 272 -13.01 29.74 -5.38
CA ARG A 272 -12.29 30.04 -4.15
C ARG A 272 -12.52 28.98 -3.08
N TYR A 273 -13.40 28.02 -3.34
CA TYR A 273 -13.98 27.16 -2.31
C TYR A 273 -13.49 25.74 -2.51
N ASN A 274 -12.71 25.25 -1.55
CA ASN A 274 -11.95 24.02 -1.74
C ASN A 274 -11.55 23.48 -0.38
N GLN A 275 -10.69 22.46 -0.40
CA GLN A 275 -10.24 21.84 0.83
C GLN A 275 -9.60 22.85 1.79
N GLU A 276 -8.75 23.74 1.27
CA GLU A 276 -8.02 24.65 2.16
C GLU A 276 -8.93 25.73 2.74
N THR A 277 -9.87 26.23 1.94
CA THR A 277 -10.84 27.24 2.38
C THR A 277 -12.23 26.84 1.89
N PRO A 278 -12.92 25.98 2.62
CA PRO A 278 -14.30 25.62 2.25
C PRO A 278 -15.26 26.79 2.38
N MET A 279 -16.36 26.68 1.65
CA MET A 279 -17.41 27.68 1.79
C MET A 279 -18.07 27.57 3.16
N GLU A 280 -18.16 28.70 3.87
CA GLU A 280 -18.93 28.79 5.10
C GLU A 280 -20.40 28.94 4.73
N ILE A 281 -21.22 27.97 5.13
CA ILE A 281 -22.64 28.06 4.82
C ILE A 281 -23.43 27.92 6.10
N CYS A 282 -24.69 28.31 6.03
CA CYS A 282 -25.65 28.08 7.09
C CYS A 282 -26.51 26.92 6.60
N LEU A 283 -26.34 25.75 7.23
CA LEU A 283 -26.92 24.51 6.74
C LEU A 283 -27.92 23.99 7.77
N ASN A 284 -29.20 24.01 7.39
CA ASN A 284 -30.31 23.69 8.29
C ASN A 284 -30.18 24.46 9.60
N GLY A 285 -29.74 25.72 9.49
CA GLY A 285 -29.76 26.64 10.60
C GLY A 285 -28.49 26.77 11.42
N THR A 286 -27.49 25.93 11.19
CA THR A 286 -26.22 26.08 11.91
C THR A 286 -25.06 26.19 10.93
N PRO A 287 -23.92 26.75 11.36
CA PRO A 287 -22.76 26.86 10.45
C PRO A 287 -22.23 25.52 9.99
N ALA A 288 -21.84 25.47 8.72
CA ALA A 288 -21.16 24.31 8.18
C ALA A 288 -20.08 24.76 7.18
N LEU A 289 -19.12 23.87 6.92
CA LEU A 289 -18.10 24.03 5.89
C LEU A 289 -18.35 23.03 4.76
N ALA A 290 -18.53 23.54 3.55
CA ALA A 290 -18.89 22.75 2.39
C ALA A 290 -18.01 23.12 1.21
N TYR A 291 -17.62 22.12 0.43
CA TYR A 291 -17.04 22.36 -0.89
C TYR A 291 -17.31 21.17 -1.80
N LEU A 292 -17.11 21.42 -3.08
CA LEU A 292 -17.33 20.49 -4.18
C LEU A 292 -15.98 20.14 -4.80
N ALA A 293 -15.70 18.86 -4.93
CA ALA A 293 -14.48 18.37 -5.56
C ALA A 293 -14.82 17.76 -6.91
N SER A 294 -13.80 17.66 -7.76
CA SER A 294 -13.99 17.34 -9.17
C SER A 294 -12.88 16.43 -9.69
N ALA A 295 -13.24 15.58 -10.64
CA ALA A 295 -12.36 14.63 -11.31
C ALA A 295 -12.71 14.65 -12.79
N PRO A 296 -11.76 14.31 -13.65
CA PRO A 296 -10.34 14.06 -13.40
C PRO A 296 -9.52 15.35 -13.24
N PRO A 297 -8.24 15.24 -12.83
CA PRO A 297 -7.39 16.44 -12.58
C PRO A 297 -7.30 17.41 -13.75
N PRO A 298 -7.20 16.95 -15.02
CA PRO A 298 -7.22 17.92 -16.15
C PRO A 298 -8.42 18.83 -16.18
N LEU A 299 -9.56 18.41 -15.61
CA LEU A 299 -10.77 19.23 -15.61
C LEU A 299 -10.84 20.15 -14.42
N CYS A 300 -9.85 20.11 -13.53
CA CYS A 300 -9.85 20.98 -12.35
C CYS A 300 -9.09 22.27 -12.62
N PRO A 301 -9.75 23.43 -12.61
CA PRO A 301 -9.03 24.68 -12.43
C PRO A 301 -8.20 24.66 -11.14
N SER A 302 -7.38 25.69 -10.98
CA SER A 302 -6.36 25.68 -9.91
C SER A 302 -6.98 25.73 -8.50
N GLY A 303 -8.15 26.39 -8.33
CA GLY A 303 -8.82 26.44 -7.04
C GLY A 303 -9.70 25.22 -6.71
N ARG A 304 -9.89 24.30 -7.65
CA ARG A 304 -10.84 23.21 -7.52
C ARG A 304 -10.13 21.98 -6.95
N THR A 305 -10.52 21.56 -5.75
CA THR A 305 -9.90 20.38 -5.14
C THR A 305 -10.20 19.14 -5.99
N PRO A 306 -9.21 18.30 -6.27
CA PRO A 306 -9.50 17.03 -6.97
C PRO A 306 -10.18 16.00 -6.06
N ASP A 307 -11.16 15.29 -6.64
CA ASP A 307 -11.94 14.27 -5.94
C ASP A 307 -11.07 13.39 -5.03
N LEU A 308 -10.03 12.76 -5.60
CA LEU A 308 -9.17 11.88 -4.80
C LEU A 308 -8.55 12.60 -3.60
N LYS A 309 -8.13 13.86 -3.78
CA LYS A 309 -7.52 14.57 -2.66
C LYS A 309 -8.55 14.84 -1.56
N ALA A 310 -9.77 15.25 -1.95
CA ALA A 310 -10.87 15.42 -1.00
C ALA A 310 -11.15 14.14 -0.23
N LEU A 311 -11.32 13.01 -0.94
CA LEU A 311 -11.64 11.74 -0.31
C LEU A 311 -10.55 11.32 0.68
N LEU A 312 -9.27 11.48 0.31
CA LEU A 312 -8.20 11.03 1.20
C LEU A 312 -8.07 11.94 2.40
N ASN A 313 -8.56 13.16 2.28
CA ASN A 313 -8.47 14.08 3.40
C ASN A 313 -9.47 13.69 4.49
N VAL A 314 -10.69 13.33 4.09
CA VAL A 314 -11.67 12.79 5.04
C VAL A 314 -11.13 11.54 5.74
N VAL A 315 -10.51 10.64 4.97
CA VAL A 315 -9.92 9.42 5.53
C VAL A 315 -8.79 9.75 6.52
N ASP A 316 -7.91 10.67 6.13
CA ASP A 316 -6.74 10.97 6.96
C ASP A 316 -7.12 11.77 8.21
N ASN A 317 -8.23 12.52 8.17
CA ASN A 317 -8.68 13.29 9.33
C ASN A 317 -9.53 12.48 10.30
N ALA A 318 -10.00 11.29 9.92
CA ALA A 318 -10.88 10.52 10.78
C ALA A 318 -10.15 10.04 12.03
N ARG A 319 -10.81 10.18 13.19
CA ARG A 319 -10.21 9.75 14.44
C ARG A 319 -10.94 8.62 15.14
N SER A 320 -12.20 8.33 14.81
CA SER A 320 -12.93 7.24 15.44
C SER A 320 -13.40 6.16 14.47
N PHE A 321 -14.10 6.50 13.39
CA PHE A 321 -14.57 5.51 12.43
C PHE A 321 -14.58 6.07 11.00
N ILE A 322 -14.51 5.16 10.05
CA ILE A 322 -14.77 5.46 8.65
C ILE A 322 -15.77 4.42 8.16
N TYR A 323 -16.95 4.87 7.76
CA TYR A 323 -17.96 4.01 7.13
C TYR A 323 -18.03 4.35 5.65
N VAL A 324 -17.80 3.35 4.81
CA VAL A 324 -17.79 3.51 3.37
C VAL A 324 -18.79 2.56 2.78
N ALA A 325 -19.74 3.10 2.01
CA ALA A 325 -20.67 2.33 1.22
C ALA A 325 -20.46 2.69 -0.24
N VAL A 326 -19.79 1.80 -0.98
CA VAL A 326 -19.52 2.04 -2.39
C VAL A 326 -19.79 0.75 -3.15
N MET A 327 -20.30 0.91 -4.37
CA MET A 327 -20.73 -0.23 -5.19
C MET A 327 -19.57 -1.12 -5.59
N ASN A 328 -18.45 -0.53 -6.03
CA ASN A 328 -17.23 -1.27 -6.32
C ASN A 328 -16.04 -0.59 -5.66
N TYR A 329 -15.12 -1.41 -5.19
CA TYR A 329 -13.86 -0.94 -4.62
C TYR A 329 -12.75 -1.81 -5.18
N LEU A 330 -11.76 -1.18 -5.77
CA LEU A 330 -10.71 -1.97 -6.41
C LEU A 330 -9.43 -1.16 -6.42
N PRO A 331 -8.41 -1.58 -5.68
CA PRO A 331 -7.15 -0.82 -5.65
C PRO A 331 -6.32 -1.06 -6.90
N THR A 332 -6.93 -0.79 -8.06
CA THR A 332 -6.33 -1.00 -9.36
C THR A 332 -6.81 0.12 -10.30
N LEU A 333 -6.20 0.19 -11.47
CA LEU A 333 -6.72 0.97 -12.58
C LEU A 333 -7.49 0.00 -13.47
N GLU A 334 -8.77 -0.19 -13.12
CA GLU A 334 -9.63 -1.21 -13.73
C GLU A 334 -9.56 -1.18 -15.24
N PHE A 335 -9.57 -2.36 -15.84
CA PHE A 335 -9.46 -2.55 -17.30
C PHE A 335 -8.29 -1.73 -17.88
N SER A 336 -7.09 -2.08 -17.42
CA SER A 336 -5.85 -1.64 -18.06
C SER A 336 -5.18 -2.91 -18.59
N HIS A 337 -4.85 -2.92 -19.88
CA HIS A 337 -4.41 -4.15 -20.56
C HIS A 337 -3.20 -4.72 -19.84
N PRO A 338 -2.15 -3.93 -19.57
CA PRO A 338 -1.23 -4.34 -18.49
C PRO A 338 -1.88 -3.95 -17.18
N HIS A 339 -2.22 -4.93 -16.33
CA HIS A 339 -2.84 -4.65 -15.03
C HIS A 339 -2.02 -3.63 -14.26
N ARG A 340 -2.70 -2.74 -13.52
CA ARG A 340 -2.03 -1.64 -12.84
C ARG A 340 -2.52 -1.55 -11.40
N PHE A 341 -1.61 -1.74 -10.46
CA PHE A 341 -1.95 -1.65 -9.04
C PHE A 341 -2.08 -0.18 -8.65
N TRP A 342 -3.03 0.12 -7.77
CA TRP A 342 -3.37 1.50 -7.42
C TRP A 342 -3.76 1.59 -5.95
N PRO A 343 -2.77 1.71 -5.03
CA PRO A 343 -3.08 1.57 -3.61
C PRO A 343 -3.45 2.85 -2.85
N ALA A 344 -3.82 3.92 -3.56
CA ALA A 344 -3.99 5.22 -2.90
C ALA A 344 -5.02 5.15 -1.76
N ILE A 345 -6.26 4.74 -2.08
CA ILE A 345 -7.28 4.63 -1.04
C ILE A 345 -6.97 3.49 -0.09
N ASP A 346 -6.52 2.35 -0.63
CA ASP A 346 -6.19 1.18 0.18
C ASP A 346 -5.26 1.55 1.33
N ASP A 347 -4.16 2.25 1.01
CA ASP A 347 -3.19 2.59 2.04
C ASP A 347 -3.72 3.66 3.01
N GLY A 348 -4.58 4.57 2.52
CA GLY A 348 -5.28 5.47 3.43
C GLY A 348 -6.08 4.72 4.49
N LEU A 349 -6.85 3.71 4.08
CA LEU A 349 -7.62 2.93 5.07
C LEU A 349 -6.71 2.13 5.98
N ARG A 350 -5.63 1.56 5.43
CA ARG A 350 -4.71 0.82 6.28
C ARG A 350 -4.06 1.74 7.32
N ARG A 351 -3.62 2.93 6.88
CA ARG A 351 -3.01 3.93 7.77
C ARG A 351 -3.98 4.33 8.87
N ALA A 352 -5.21 4.68 8.49
CA ALA A 352 -6.21 5.09 9.46
C ALA A 352 -6.36 4.05 10.58
N THR A 353 -6.56 2.78 10.19
CA THR A 353 -6.81 1.74 11.17
C THR A 353 -5.55 1.39 11.96
N TYR A 354 -4.36 1.43 11.34
CA TYR A 354 -3.18 0.99 12.11
C TYR A 354 -2.56 2.13 12.92
N GLU A 355 -2.52 3.36 12.39
CA GLU A 355 -1.86 4.47 13.10
C GLU A 355 -2.78 5.17 14.08
N ARG A 356 -4.09 5.19 13.82
CA ARG A 356 -4.99 5.98 14.63
C ARG A 356 -6.11 5.16 15.26
N GLY A 357 -6.12 3.84 15.07
CA GLY A 357 -7.12 2.96 15.68
C GLY A 357 -8.51 3.19 15.16
N VAL A 358 -8.62 3.70 13.94
CA VAL A 358 -9.92 4.03 13.37
C VAL A 358 -10.66 2.74 13.04
N LYS A 359 -11.94 2.71 13.35
CA LYS A 359 -12.80 1.58 13.02
C LYS A 359 -13.28 1.76 11.60
N VAL A 360 -12.85 0.88 10.70
CA VAL A 360 -13.22 0.99 9.29
C VAL A 360 -14.25 -0.09 8.97
N ARG A 361 -15.41 0.34 8.47
CA ARG A 361 -16.45 -0.54 7.96
C ARG A 361 -16.63 -0.24 6.48
N LEU A 362 -16.40 -1.25 5.64
CA LEU A 362 -16.57 -1.16 4.20
C LEU A 362 -17.76 -2.01 3.77
N LEU A 363 -18.75 -1.38 3.17
CA LEU A 363 -19.92 -2.07 2.66
C LEU A 363 -19.90 -1.98 1.14
N ILE A 364 -19.48 -3.06 0.51
CA ILE A 364 -19.33 -3.16 -0.93
C ILE A 364 -20.53 -3.89 -1.50
N SER A 365 -21.06 -3.39 -2.62
CA SER A 365 -22.15 -4.10 -3.28
C SER A 365 -21.66 -5.32 -4.07
N CYS A 366 -22.57 -6.27 -4.25
CA CYS A 366 -22.27 -7.47 -5.01
C CYS A 366 -23.49 -7.88 -5.83
N TRP A 367 -23.24 -8.29 -7.06
CA TRP A 367 -24.27 -8.81 -7.93
C TRP A 367 -23.59 -9.63 -9.01
N GLY A 368 -24.36 -10.06 -9.99
CA GLY A 368 -23.83 -10.95 -11.00
C GLY A 368 -22.75 -10.33 -11.86
N HIS A 369 -22.64 -9.01 -11.85
CA HIS A 369 -21.70 -8.26 -12.68
C HIS A 369 -20.48 -7.78 -11.92
N SER A 370 -20.35 -8.17 -10.65
CA SER A 370 -19.20 -7.75 -9.87
C SER A 370 -17.93 -8.34 -10.46
N GLU A 371 -16.86 -7.56 -10.45
CA GLU A 371 -15.56 -8.03 -10.88
C GLU A 371 -14.98 -8.98 -9.83
N PRO A 372 -14.75 -10.26 -10.17
CA PRO A 372 -14.35 -11.23 -9.13
C PRO A 372 -12.99 -10.97 -8.47
N SER A 373 -12.09 -10.22 -9.09
CA SER A 373 -10.81 -9.90 -8.43
C SER A 373 -10.97 -9.03 -7.20
N MET A 374 -12.14 -8.39 -6.99
CA MET A 374 -12.40 -7.62 -5.77
C MET A 374 -12.23 -8.46 -4.53
N ARG A 375 -12.55 -9.76 -4.61
CA ARG A 375 -12.63 -10.57 -3.40
C ARG A 375 -11.30 -10.58 -2.67
N ALA A 376 -10.23 -10.95 -3.38
CA ALA A 376 -8.91 -11.06 -2.77
C ALA A 376 -8.46 -9.74 -2.13
N PHE A 377 -8.75 -8.59 -2.78
CA PHE A 377 -8.35 -7.31 -2.17
C PHE A 377 -9.18 -7.00 -0.93
N LEU A 378 -10.48 -7.35 -0.94
CA LEU A 378 -11.33 -7.15 0.24
C LEU A 378 -10.91 -8.07 1.39
N LEU A 379 -10.50 -9.29 1.08
CA LEU A 379 -10.03 -10.21 2.12
C LEU A 379 -8.68 -9.76 2.66
N SER A 380 -7.85 -9.17 1.80
CA SER A 380 -6.59 -8.57 2.26
C SER A 380 -6.85 -7.49 3.31
N LEU A 381 -7.79 -6.57 3.06
CA LEU A 381 -8.14 -5.54 4.04
C LEU A 381 -8.70 -6.15 5.33
N ALA A 382 -9.58 -7.16 5.21
CA ALA A 382 -10.25 -7.78 6.36
C ALA A 382 -9.27 -8.50 7.26
N ALA A 383 -8.18 -9.03 6.67
CA ALA A 383 -7.14 -9.71 7.43
C ALA A 383 -6.43 -8.79 8.42
N LEU A 384 -6.63 -7.47 8.34
CA LEU A 384 -5.92 -6.58 9.25
C LEU A 384 -6.51 -6.55 10.66
N ARG A 385 -7.71 -7.10 10.87
CA ARG A 385 -8.33 -7.07 12.18
C ARG A 385 -7.50 -7.83 13.21
N ASP A 386 -7.03 -7.12 14.24
CA ASP A 386 -6.15 -7.70 15.27
C ASP A 386 -6.51 -7.09 16.62
N ASN A 387 -6.80 -7.97 17.57
CA ASN A 387 -7.23 -7.57 18.92
C ASN A 387 -6.20 -6.69 19.62
N HIS A 388 -4.92 -6.87 19.32
CA HIS A 388 -3.88 -6.24 20.14
C HIS A 388 -3.26 -5.01 19.50
N THR A 389 -3.45 -4.81 18.20
CA THR A 389 -2.97 -3.64 17.47
C THR A 389 -4.06 -2.56 17.37
N HIS A 390 -5.28 -2.85 17.85
CA HIS A 390 -6.45 -1.96 17.72
C HIS A 390 -6.79 -1.70 16.26
N SER A 391 -6.29 -2.58 15.39
CA SER A 391 -6.63 -2.59 13.98
C SER A 391 -7.97 -3.32 13.80
N ASP A 392 -8.91 -2.64 13.14
CA ASP A 392 -10.31 -3.01 13.12
C ASP A 392 -10.86 -2.56 11.76
N ILE A 393 -10.61 -3.36 10.74
CA ILE A 393 -11.31 -3.24 9.46
C ILE A 393 -12.30 -4.39 9.35
N GLN A 394 -13.51 -4.08 8.92
CA GLN A 394 -14.52 -5.10 8.64
C GLN A 394 -15.14 -4.83 7.29
N VAL A 395 -15.31 -5.89 6.53
CA VAL A 395 -15.93 -5.80 5.22
C VAL A 395 -17.20 -6.65 5.20
N LYS A 396 -18.27 -6.10 4.61
CA LYS A 396 -19.48 -6.84 4.29
C LYS A 396 -19.87 -6.55 2.84
N LEU A 397 -20.63 -7.46 2.27
CA LEU A 397 -21.21 -7.31 0.94
C LEU A 397 -22.70 -7.05 1.10
N PHE A 398 -23.21 -6.05 0.39
CA PHE A 398 -24.62 -5.73 0.38
C PHE A 398 -25.18 -6.28 -0.92
N VAL A 399 -26.21 -7.13 -0.80
CA VAL A 399 -26.81 -7.80 -1.94
C VAL A 399 -28.29 -7.45 -1.95
N VAL A 400 -28.78 -6.94 -3.08
CA VAL A 400 -30.20 -6.70 -3.28
C VAL A 400 -30.82 -8.00 -3.80
N PRO A 401 -31.78 -8.59 -3.08
CA PRO A 401 -32.44 -9.79 -3.59
C PRO A 401 -33.18 -9.53 -4.90
N ALA A 402 -33.16 -10.54 -5.77
CA ALA A 402 -33.95 -10.56 -7.00
C ALA A 402 -34.81 -11.83 -7.04
N ASP A 403 -36.14 -11.67 -7.07
CA ASP A 403 -37.04 -12.77 -7.42
C ASP A 403 -37.03 -13.01 -8.93
N GLU A 404 -37.81 -14.00 -9.37
CA GLU A 404 -37.79 -14.46 -10.77
C GLU A 404 -38.07 -13.32 -11.75
N ALA A 405 -39.17 -12.59 -11.52
CA ALA A 405 -39.54 -11.50 -12.41
C ALA A 405 -38.51 -10.37 -12.36
N GLN A 406 -38.01 -10.06 -11.17
CA GLN A 406 -36.99 -9.03 -11.03
C GLN A 406 -35.71 -9.42 -11.75
N ALA A 407 -35.34 -10.71 -11.69
CA ALA A 407 -34.12 -11.19 -12.33
C ALA A 407 -34.14 -11.07 -13.85
N ARG A 408 -35.29 -10.78 -14.45
CA ARG A 408 -35.40 -10.58 -15.90
C ARG A 408 -35.15 -9.12 -16.31
N ILE A 409 -35.07 -8.20 -15.35
CA ILE A 409 -34.76 -6.81 -15.64
C ILE A 409 -33.26 -6.66 -15.84
N PRO A 410 -32.80 -6.23 -17.01
CA PRO A 410 -31.35 -6.10 -17.25
C PRO A 410 -30.73 -5.01 -16.35
N TYR A 411 -29.60 -5.35 -15.74
CA TYR A 411 -28.77 -4.41 -14.98
C TYR A 411 -29.56 -3.71 -13.88
N ALA A 412 -30.16 -4.52 -13.02
CA ALA A 412 -30.91 -4.04 -11.87
C ALA A 412 -30.59 -4.89 -10.65
N ARG A 413 -31.25 -4.52 -9.54
CA ARG A 413 -31.16 -5.22 -8.25
C ARG A 413 -29.72 -5.18 -7.75
N VAL A 414 -29.25 -3.96 -7.50
CA VAL A 414 -27.91 -3.75 -6.96
C VAL A 414 -27.96 -2.43 -6.21
N ASN A 415 -27.08 -2.28 -5.24
CA ASN A 415 -26.95 -1.03 -4.49
C ASN A 415 -25.87 -0.15 -5.15
N HIS A 416 -26.28 0.97 -5.77
CA HIS A 416 -25.38 1.93 -6.42
C HIS A 416 -24.78 2.98 -5.49
N ASN A 417 -25.01 2.92 -4.19
CA ASN A 417 -24.57 4.04 -3.35
C ASN A 417 -23.05 4.27 -3.40
N LYS A 418 -22.63 5.54 -3.29
CA LYS A 418 -21.20 5.88 -3.15
C LYS A 418 -21.10 7.04 -2.18
N TYR A 419 -20.69 6.75 -0.95
CA TYR A 419 -20.56 7.78 0.06
C TYR A 419 -19.66 7.29 1.18
N MET A 420 -19.16 8.24 1.97
CA MET A 420 -18.31 7.94 3.11
C MET A 420 -18.74 8.84 4.27
N VAL A 421 -18.78 8.29 5.48
CA VAL A 421 -19.07 9.10 6.64
C VAL A 421 -18.09 8.72 7.76
N THR A 422 -17.64 9.73 8.51
CA THR A 422 -16.75 9.55 9.65
C THR A 422 -17.44 10.19 10.84
N GLU A 423 -16.83 10.05 12.02
CA GLU A 423 -17.36 10.78 13.18
C GLU A 423 -17.32 12.30 13.00
N ARG A 424 -16.73 12.86 11.92
CA ARG A 424 -16.72 14.32 11.79
C ARG A 424 -16.95 14.86 10.39
N ALA A 425 -17.12 14.03 9.36
CA ALA A 425 -17.22 14.53 8.00
C ALA A 425 -18.09 13.62 7.15
N THR A 426 -18.72 14.21 6.12
CA THR A 426 -19.45 13.50 5.07
C THR A 426 -18.82 13.72 3.70
N TYR A 427 -18.88 12.66 2.89
CA TYR A 427 -18.45 12.64 1.51
C TYR A 427 -19.52 11.90 0.72
N ILE A 428 -20.16 12.59 -0.22
CA ILE A 428 -21.16 11.99 -1.11
C ILE A 428 -20.68 12.15 -2.54
N GLY A 429 -20.42 11.04 -3.23
CA GLY A 429 -19.82 11.07 -4.54
C GLY A 429 -20.70 10.46 -5.63
N THR A 430 -20.17 10.52 -6.85
CA THR A 430 -20.76 9.90 -8.02
C THR A 430 -19.94 8.73 -8.55
N SER A 431 -18.79 8.43 -7.95
CA SER A 431 -17.78 7.56 -8.54
C SER A 431 -17.55 6.31 -7.72
N ASN A 432 -17.23 5.21 -8.40
CA ASN A 432 -16.78 4.06 -7.62
C ASN A 432 -15.30 4.24 -7.27
N TRP A 433 -14.83 3.39 -6.36
CA TRP A 433 -13.50 3.57 -5.77
C TRP A 433 -12.48 2.62 -6.40
N SER A 434 -12.18 2.92 -7.67
CA SER A 434 -11.02 2.38 -8.39
C SER A 434 -10.34 3.52 -9.16
N GLY A 435 -9.08 3.28 -9.55
CA GLY A 435 -8.19 4.38 -9.94
C GLY A 435 -8.68 5.24 -11.10
N ASN A 436 -9.29 4.62 -12.12
CA ASN A 436 -9.69 5.36 -13.33
C ASN A 436 -10.74 6.40 -13.04
N TYR A 437 -11.54 6.19 -11.99
CA TYR A 437 -12.54 7.19 -11.63
C TYR A 437 -11.91 8.47 -11.13
N PHE A 438 -10.67 8.40 -10.63
CA PHE A 438 -10.02 9.55 -10.05
C PHE A 438 -8.95 10.16 -10.95
N THR A 439 -8.58 9.48 -12.04
CA THR A 439 -7.51 9.99 -12.88
C THR A 439 -7.95 10.30 -14.30
N GLU A 440 -9.07 9.73 -14.77
CA GLU A 440 -9.47 9.81 -16.19
C GLU A 440 -10.94 10.15 -16.38
N THR A 441 -11.76 9.67 -15.47
CA THR A 441 -13.21 9.73 -15.62
C THR A 441 -13.75 10.92 -14.84
N ALA A 442 -14.82 11.51 -15.35
CA ALA A 442 -15.44 12.65 -14.70
C ALA A 442 -16.23 12.21 -13.47
N GLY A 443 -16.06 12.95 -12.37
CA GLY A 443 -16.79 12.68 -11.15
C GLY A 443 -16.84 13.95 -10.33
N THR A 444 -17.79 13.98 -9.38
CA THR A 444 -17.87 15.08 -8.42
C THR A 444 -18.23 14.52 -7.06
N SER A 445 -17.87 15.27 -6.04
CA SER A 445 -18.26 14.89 -4.70
C SER A 445 -18.51 16.14 -3.87
N LEU A 446 -19.45 16.02 -2.95
CA LEU A 446 -19.74 17.04 -1.97
C LEU A 446 -19.11 16.67 -0.64
N LEU A 447 -18.39 17.61 -0.04
CA LEU A 447 -17.77 17.44 1.26
C LEU A 447 -18.39 18.44 2.22
N VAL A 448 -18.87 17.94 3.34
CA VAL A 448 -19.44 18.79 4.38
C VAL A 448 -18.82 18.40 5.71
N THR A 449 -18.37 19.40 6.47
CA THR A 449 -18.10 19.24 7.90
C THR A 449 -18.98 20.22 8.65
N GLN A 450 -19.36 19.85 9.87
CA GLN A 450 -20.31 20.65 10.64
C GLN A 450 -20.21 20.24 12.09
N ASN A 451 -19.96 21.20 12.97
CA ASN A 451 -19.85 20.91 14.39
C ASN A 451 -21.21 20.57 14.99
N GLY A 452 -21.18 19.73 16.00
CA GLY A 452 -22.44 19.48 16.67
C GLY A 452 -23.00 18.12 16.31
N ARG A 453 -23.60 17.49 17.31
CA ARG A 453 -24.37 16.28 17.12
C ARG A 453 -25.49 16.56 16.13
N GLY A 454 -25.93 15.51 15.43
CA GLY A 454 -27.02 15.61 14.50
C GLY A 454 -26.59 16.01 13.09
N GLY A 455 -27.55 16.57 12.36
CA GLY A 455 -27.28 17.10 11.05
C GLY A 455 -27.17 16.07 9.96
N LEU A 456 -26.74 16.54 8.81
CA LEU A 456 -26.52 15.70 7.64
C LEU A 456 -25.65 14.49 7.96
N ARG A 457 -24.56 14.72 8.70
CA ARG A 457 -23.61 13.66 9.02
C ARG A 457 -24.26 12.51 9.80
N SER A 458 -25.05 12.82 10.84
CA SER A 458 -25.66 11.72 11.60
C SER A 458 -26.76 11.03 10.78
N GLN A 459 -27.46 11.77 9.93
CA GLN A 459 -28.43 11.12 9.05
C GLN A 459 -27.76 10.11 8.12
N LEU A 460 -26.56 10.44 7.60
CA LEU A 460 -25.89 9.49 6.71
C LEU A 460 -25.33 8.30 7.48
N GLU A 461 -24.81 8.55 8.69
CA GLU A 461 -24.38 7.46 9.55
C GLU A 461 -25.52 6.49 9.82
N ALA A 462 -26.73 7.03 10.03
CA ALA A 462 -27.89 6.20 10.34
C ALA A 462 -28.26 5.33 9.16
N ILE A 463 -28.23 5.89 7.95
CA ILE A 463 -28.48 5.10 6.76
C ILE A 463 -27.44 4.01 6.60
N PHE A 464 -26.18 4.32 6.93
CA PHE A 464 -25.15 3.29 6.81
C PHE A 464 -25.40 2.15 7.79
N LEU A 465 -25.67 2.50 9.05
CA LEU A 465 -25.87 1.48 10.08
C LEU A 465 -27.13 0.67 9.80
N ARG A 466 -28.16 1.33 9.28
CA ARG A 466 -29.33 0.60 8.79
C ARG A 466 -28.92 -0.46 7.78
N ASP A 467 -28.17 -0.08 6.74
CA ASP A 467 -27.75 -1.07 5.73
C ASP A 467 -26.79 -2.09 6.31
N TRP A 468 -25.87 -1.66 7.18
CA TRP A 468 -24.85 -2.57 7.68
C TRP A 468 -25.45 -3.68 8.54
N ASP A 469 -26.50 -3.36 9.30
CA ASP A 469 -27.13 -4.28 10.23
C ASP A 469 -28.31 -5.02 9.62
N SER A 470 -28.67 -4.72 8.39
CA SER A 470 -29.78 -5.34 7.70
C SER A 470 -29.39 -6.75 7.31
N PRO A 471 -30.38 -7.60 7.03
CA PRO A 471 -30.08 -8.94 6.47
C PRO A 471 -29.51 -8.91 5.05
N TYR A 472 -29.49 -7.78 4.37
CA TYR A 472 -28.93 -7.73 3.02
C TYR A 472 -27.41 -7.65 3.01
N SER A 473 -26.78 -7.59 4.18
CA SER A 473 -25.34 -7.39 4.35
C SER A 473 -24.70 -8.66 4.89
N HIS A 474 -23.61 -9.09 4.27
CA HIS A 474 -23.12 -10.44 4.44
C HIS A 474 -21.61 -10.42 4.61
N ASP A 475 -21.11 -11.16 5.60
CA ASP A 475 -19.68 -11.40 5.73
C ASP A 475 -19.16 -12.16 4.52
N LEU A 476 -17.85 -12.09 4.32
CA LEU A 476 -17.25 -12.59 3.09
C LEU A 476 -17.25 -14.11 3.05
N ASP A 477 -17.43 -14.77 4.18
CA ASP A 477 -17.55 -16.22 4.25
C ASP A 477 -18.97 -16.71 3.98
N THR A 478 -19.92 -15.82 3.65
CA THR A 478 -21.31 -16.21 3.47
C THR A 478 -21.49 -17.11 2.25
N SER A 479 -22.38 -18.10 2.37
CA SER A 479 -22.72 -18.95 1.23
C SER A 479 -23.42 -18.15 0.14
N ALA A 480 -23.05 -18.43 -1.10
CA ALA A 480 -23.72 -17.82 -2.25
C ALA A 480 -25.24 -18.05 -2.22
N ASP A 481 -25.69 -19.21 -1.73
CA ASP A 481 -27.12 -19.52 -1.78
C ASP A 481 -27.87 -18.94 -0.58
N SER A 482 -27.27 -18.00 0.16
CA SER A 482 -27.98 -17.29 1.23
C SER A 482 -28.39 -15.87 0.86
N VAL A 483 -27.86 -15.28 -0.22
CA VAL A 483 -27.95 -13.83 -0.38
C VAL A 483 -29.09 -13.38 -1.28
N GLY A 484 -29.85 -14.29 -1.89
CA GLY A 484 -31.04 -13.92 -2.63
C GLY A 484 -30.80 -13.40 -4.04
N ASN A 485 -29.57 -13.51 -4.55
CA ASN A 485 -29.22 -12.98 -5.87
C ASN A 485 -27.90 -13.62 -6.28
N ALA A 486 -27.64 -13.60 -7.58
CA ALA A 486 -26.30 -13.93 -8.08
C ALA A 486 -25.26 -13.01 -7.44
N CYS A 487 -24.09 -13.56 -7.12
CA CYS A 487 -23.06 -12.78 -6.44
C CYS A 487 -21.71 -13.41 -6.77
N ARG A 488 -20.92 -12.72 -7.57
CA ARG A 488 -19.64 -13.26 -8.01
C ARG A 488 -18.56 -13.22 -6.94
N LEU A 489 -18.75 -12.50 -5.85
CA LEU A 489 -17.75 -12.41 -4.80
C LEU A 489 -17.94 -13.43 -3.68
N LEU A 490 -18.91 -14.33 -3.81
CA LEU A 490 -19.20 -15.33 -2.81
C LEU A 490 -19.19 -16.73 -3.44
N GLN B 72 30.88 8.09 -19.48
CA GLN B 72 29.57 7.59 -19.03
C GLN B 72 29.71 6.54 -17.91
N ARG B 73 30.13 5.26 -18.28
CA ARG B 73 30.23 4.15 -17.34
C ARG B 73 31.57 4.17 -16.60
N PRO B 74 31.60 3.77 -15.32
CA PRO B 74 32.87 3.70 -14.59
C PRO B 74 33.73 2.53 -15.07
N ALA B 75 34.96 2.50 -14.52
CA ALA B 75 35.99 1.55 -14.96
C ALA B 75 35.68 0.14 -14.49
N PRO B 76 35.90 -0.87 -15.34
CA PRO B 76 35.70 -2.26 -14.92
C PRO B 76 36.75 -2.66 -13.90
N CYS B 77 36.53 -3.82 -13.30
CA CYS B 77 37.41 -4.37 -12.29
C CYS B 77 38.03 -5.65 -12.85
N TYR B 78 39.34 -5.81 -12.67
CA TYR B 78 40.05 -6.92 -13.29
C TYR B 78 40.37 -8.03 -12.31
N ASP B 79 40.02 -7.86 -11.04
CA ASP B 79 40.31 -8.89 -10.04
C ASP B 79 39.53 -10.17 -10.36
N PRO B 80 40.06 -11.33 -9.98
CA PRO B 80 39.37 -12.62 -10.18
C PRO B 80 38.42 -12.97 -9.04
N CYS B 81 37.33 -12.21 -8.92
CA CYS B 81 36.40 -12.32 -7.80
C CYS B 81 35.75 -13.70 -7.74
N GLU B 82 35.66 -14.24 -6.53
CA GLU B 82 35.04 -15.52 -6.30
C GLU B 82 34.17 -15.41 -5.06
N ALA B 83 32.91 -15.82 -5.16
CA ALA B 83 31.94 -15.64 -4.10
C ALA B 83 31.48 -16.99 -3.58
N VAL B 84 31.32 -17.09 -2.26
CA VAL B 84 30.89 -18.32 -1.60
C VAL B 84 29.77 -17.97 -0.62
N LEU B 85 28.64 -18.66 -0.75
CA LEU B 85 27.61 -18.56 0.27
C LEU B 85 28.04 -19.37 1.47
N VAL B 86 28.03 -18.75 2.65
CA VAL B 86 28.41 -19.42 3.88
C VAL B 86 27.22 -19.37 4.83
N GLU B 87 27.03 -20.45 5.59
CA GLU B 87 25.86 -20.63 6.45
C GLU B 87 26.27 -21.13 7.82
N SER B 88 25.46 -20.78 8.81
CA SER B 88 25.48 -21.44 10.10
C SER B 88 24.22 -22.29 10.16
N ILE B 89 24.39 -23.60 10.34
CA ILE B 89 23.25 -24.49 10.52
C ILE B 89 23.23 -24.91 11.98
N PRO B 90 22.22 -24.52 12.74
CA PRO B 90 22.25 -24.76 14.18
C PRO B 90 22.22 -26.24 14.49
N GLU B 91 22.81 -26.59 15.62
CA GLU B 91 22.89 -27.98 16.01
C GLU B 91 21.49 -28.56 16.15
N GLY B 92 21.23 -29.67 15.46
CA GLY B 92 19.96 -30.35 15.48
C GLY B 92 19.22 -30.24 14.17
N LEU B 93 19.54 -29.23 13.37
CA LEU B 93 18.81 -28.94 12.15
C LEU B 93 19.42 -29.73 11.00
N ASP B 94 18.66 -30.70 10.47
CA ASP B 94 19.18 -31.53 9.40
C ASP B 94 18.35 -31.37 8.12
N PHE B 95 19.05 -31.23 6.99
CA PHE B 95 18.46 -31.10 5.65
C PHE B 95 18.92 -32.25 4.79
N PRO B 96 18.13 -33.33 4.68
CA PRO B 96 18.60 -34.53 3.98
C PRO B 96 19.13 -34.24 2.58
N ASN B 97 20.34 -34.74 2.32
CA ASN B 97 21.05 -34.58 1.05
C ASN B 97 21.02 -33.16 0.50
N GLY B 101 25.78 -28.41 0.26
CA GLY B 101 26.77 -28.17 1.31
C GLY B 101 27.76 -27.07 0.98
N ASN B 102 27.97 -26.17 1.93
CA ASN B 102 28.85 -25.01 1.82
C ASN B 102 29.72 -24.89 3.06
N PRO B 103 30.82 -24.13 2.98
CA PRO B 103 31.60 -23.85 4.20
C PRO B 103 30.75 -23.13 5.22
N SER B 104 31.01 -23.42 6.49
CA SER B 104 30.27 -22.77 7.55
C SER B 104 30.80 -21.37 7.78
N THR B 105 30.04 -20.60 8.56
CA THR B 105 30.51 -19.26 8.93
C THR B 105 31.82 -19.34 9.70
N SER B 106 31.92 -20.27 10.66
CA SER B 106 33.13 -20.36 11.47
C SER B 106 34.33 -20.73 10.59
N GLN B 107 34.15 -21.70 9.69
CA GLN B 107 35.23 -22.10 8.80
C GLN B 107 35.70 -20.92 7.95
N ALA B 108 34.77 -20.21 7.33
CA ALA B 108 35.15 -19.09 6.49
C ALA B 108 35.84 -18.00 7.30
N TRP B 109 35.35 -17.73 8.51
CA TRP B 109 35.93 -16.68 9.35
C TRP B 109 37.34 -17.05 9.81
N LEU B 110 37.51 -18.27 10.34
CA LEU B 110 38.83 -18.76 10.73
C LEU B 110 39.79 -18.71 9.55
N GLY B 111 39.32 -19.11 8.36
CA GLY B 111 40.13 -19.03 7.16
C GLY B 111 40.47 -17.60 6.73
N LEU B 112 39.59 -16.64 7.01
CA LEU B 112 39.88 -15.25 6.68
C LEU B 112 40.85 -14.65 7.68
N LEU B 113 40.73 -15.04 8.95
CA LEU B 113 41.68 -14.63 9.97
C LEU B 113 43.08 -15.17 9.67
N ALA B 114 43.17 -16.49 9.39
CA ALA B 114 44.45 -17.14 9.12
C ALA B 114 45.23 -16.44 8.01
N GLY B 115 44.57 -16.09 6.91
CA GLY B 115 45.21 -15.50 5.76
C GLY B 115 45.35 -13.99 5.82
N ALA B 116 45.10 -13.38 6.98
CA ALA B 116 45.11 -11.92 7.12
C ALA B 116 46.52 -11.44 7.41
N HIS B 117 47.05 -10.59 6.54
CA HIS B 117 48.41 -10.10 6.69
C HIS B 117 48.51 -8.61 7.00
N SER B 118 47.59 -7.77 6.51
CA SER B 118 47.74 -6.32 6.64
C SER B 118 46.65 -5.62 7.45
N SER B 119 45.39 -6.00 7.31
CA SER B 119 44.31 -5.24 7.93
C SER B 119 43.04 -6.06 8.01
N LEU B 120 42.23 -5.74 9.00
CA LEU B 120 40.92 -6.33 9.20
C LEU B 120 40.00 -5.25 9.74
N ASP B 121 38.92 -4.97 9.01
CA ASP B 121 37.88 -4.03 9.44
C ASP B 121 36.59 -4.80 9.72
N ILE B 122 36.01 -4.59 10.88
CA ILE B 122 34.78 -5.30 11.28
C ILE B 122 33.73 -4.27 11.70
N ALA B 123 32.62 -4.24 10.98
CA ALA B 123 31.41 -3.55 11.42
C ALA B 123 30.55 -4.55 12.17
N SER B 124 30.03 -4.14 13.34
CA SER B 124 29.41 -5.10 14.25
C SER B 124 28.31 -4.42 15.06
N PHE B 125 27.34 -5.23 15.48
CA PHE B 125 26.20 -4.83 16.30
C PHE B 125 26.52 -4.98 17.79
N TYR B 126 26.98 -6.16 18.20
CA TYR B 126 27.39 -6.46 19.57
C TYR B 126 28.39 -7.61 19.52
N TRP B 127 29.05 -7.86 20.65
CA TRP B 127 30.06 -8.90 20.76
C TRP B 127 29.75 -9.77 21.97
N THR B 128 29.51 -11.08 21.73
CA THR B 128 29.36 -12.08 22.80
C THR B 128 29.94 -13.40 22.33
N LEU B 129 31.27 -13.49 22.25
CA LEU B 129 31.92 -14.67 21.70
C LEU B 129 32.19 -15.76 22.74
N THR B 130 32.01 -15.49 24.03
CA THR B 130 32.33 -16.45 25.09
C THR B 130 31.14 -16.72 25.99
N ASN B 131 31.18 -17.89 26.63
CA ASN B 131 30.18 -18.25 27.64
C ASN B 131 30.09 -17.18 28.73
N ASN B 132 31.23 -16.64 29.15
CA ASN B 132 31.24 -15.60 30.18
C ASN B 132 30.40 -14.40 29.75
N ASP B 133 30.39 -14.07 28.47
CA ASP B 133 29.52 -13.00 27.99
C ASP B 133 28.05 -13.33 28.24
N THR B 134 27.63 -14.53 27.87
CA THR B 134 26.22 -14.93 27.92
C THR B 134 25.81 -15.54 29.25
N HIS B 135 26.71 -15.61 30.24
CA HIS B 135 26.42 -16.24 31.52
C HIS B 135 25.89 -17.66 31.35
N THR B 136 26.48 -18.39 30.41
CA THR B 136 26.10 -19.77 30.10
C THR B 136 27.32 -20.68 30.23
N GLN B 137 27.09 -21.99 30.00
CA GLN B 137 28.16 -23.01 29.97
C GLN B 137 27.79 -24.03 28.89
N GLU B 138 28.10 -23.69 27.63
CA GLU B 138 27.74 -24.53 26.49
C GLU B 138 28.99 -25.03 25.77
N PRO B 139 29.11 -26.34 25.50
CA PRO B 139 30.19 -26.81 24.61
C PRO B 139 30.12 -26.14 23.24
N SER B 140 28.91 -25.92 22.72
CA SER B 140 28.74 -25.34 21.40
C SER B 140 29.32 -23.93 21.29
N ALA B 141 29.72 -23.32 22.40
CA ALA B 141 30.34 -22.00 22.38
C ALA B 141 31.83 -22.04 22.02
N GLN B 142 32.38 -23.23 21.71
CA GLN B 142 33.81 -23.36 21.43
C GLN B 142 34.21 -22.55 20.21
N GLN B 143 33.47 -22.72 19.11
CA GLN B 143 33.86 -22.09 17.84
C GLN B 143 33.96 -20.58 17.97
N GLY B 144 33.10 -19.99 18.81
CA GLY B 144 33.16 -18.56 19.03
C GLY B 144 34.34 -18.15 19.88
N GLU B 145 34.73 -18.98 20.84
CA GLU B 145 35.91 -18.68 21.64
C GLU B 145 37.19 -18.82 20.81
N GLU B 146 37.22 -19.79 19.87
CA GLU B 146 38.34 -19.87 18.94
C GLU B 146 38.46 -18.60 18.11
N VAL B 147 37.34 -18.14 17.54
CA VAL B 147 37.35 -16.90 16.75
C VAL B 147 37.91 -15.74 17.57
N LEU B 148 37.48 -15.61 18.82
CA LEU B 148 38.00 -14.56 19.68
C LEU B 148 39.49 -14.71 19.93
N ARG B 149 39.94 -15.95 20.18
CA ARG B 149 41.36 -16.21 20.36
C ARG B 149 42.15 -15.80 19.12
N GLN B 150 41.73 -16.29 17.94
CA GLN B 150 42.43 -15.96 16.70
C GLN B 150 42.44 -14.47 16.41
N LEU B 151 41.41 -13.75 16.86
CA LEU B 151 41.38 -12.30 16.66
C LEU B 151 42.43 -11.60 17.50
N GLN B 152 42.71 -12.14 18.69
CA GLN B 152 43.68 -11.53 19.60
C GLN B 152 45.12 -11.64 19.10
N THR B 153 45.40 -12.52 18.14
CA THR B 153 46.73 -12.69 17.57
C THR B 153 47.03 -11.72 16.42
N LEU B 154 46.02 -11.03 15.88
CA LEU B 154 46.20 -10.28 14.63
C LEU B 154 47.02 -8.99 14.83
N ALA B 155 46.65 -8.16 15.79
CA ALA B 155 47.42 -6.94 16.05
C ALA B 155 48.85 -7.25 16.51
N PRO B 156 49.08 -8.23 17.39
CA PRO B 156 50.46 -8.58 17.77
C PRO B 156 51.36 -8.95 16.58
N LYS B 157 50.80 -9.41 15.46
CA LYS B 157 51.60 -9.72 14.29
C LYS B 157 51.55 -8.62 13.22
N GLY B 158 51.13 -7.42 13.61
CA GLY B 158 51.21 -6.28 12.71
C GLY B 158 50.03 -6.08 11.77
N VAL B 159 48.89 -6.70 12.04
CA VAL B 159 47.67 -6.50 11.26
C VAL B 159 46.89 -5.35 11.87
N ASN B 160 46.51 -4.36 11.06
CA ASN B 160 45.77 -3.22 11.57
C ASN B 160 44.30 -3.63 11.68
N VAL B 161 43.85 -3.85 12.92
CA VAL B 161 42.50 -4.28 13.24
C VAL B 161 41.69 -3.08 13.71
N ARG B 162 40.61 -2.78 13.00
CA ARG B 162 39.70 -1.69 13.35
C ARG B 162 38.28 -2.25 13.51
N ILE B 163 37.67 -2.00 14.67
CA ILE B 163 36.35 -2.52 14.98
C ILE B 163 35.41 -1.38 15.28
N ALA B 164 34.34 -1.28 14.51
CA ALA B 164 33.23 -0.39 14.80
C ALA B 164 32.10 -1.20 15.42
N VAL B 165 31.56 -0.71 16.53
CA VAL B 165 30.51 -1.42 17.27
C VAL B 165 29.39 -0.44 17.63
N SER B 166 28.16 -0.94 17.62
CA SER B 166 27.01 -0.14 18.03
C SER B 166 27.09 0.17 19.53
N LYS B 167 26.87 1.43 19.90
CA LYS B 167 26.79 1.81 21.32
C LYS B 167 25.53 1.21 21.95
N PRO B 168 25.63 0.45 23.05
CA PRO B 168 24.41 -0.04 23.69
C PRO B 168 23.71 1.09 24.45
N SER B 169 22.41 0.90 24.70
CA SER B 169 21.62 1.96 25.33
C SER B 169 21.90 2.06 26.83
N GLY B 170 21.95 0.91 27.52
CA GLY B 170 22.47 0.86 28.87
C GLY B 170 23.95 0.54 28.86
N PRO B 171 24.62 0.72 29.99
CA PRO B 171 26.03 0.30 30.06
C PRO B 171 26.12 -1.21 30.07
N GLN B 172 27.23 -1.74 29.55
CA GLN B 172 27.37 -3.19 29.45
C GLN B 172 28.81 -3.59 29.61
N PRO B 173 29.08 -4.74 30.24
CA PRO B 173 30.45 -5.27 30.28
C PRO B 173 30.91 -5.63 28.88
N GLN B 174 32.03 -5.03 28.45
CA GLN B 174 32.52 -5.29 27.10
C GLN B 174 33.75 -6.18 27.12
N ALA B 175 33.58 -7.43 27.56
CA ALA B 175 34.74 -8.31 27.76
C ALA B 175 35.50 -8.51 26.46
N ASP B 176 34.82 -9.03 25.43
CA ASP B 176 35.46 -9.34 24.16
C ASP B 176 36.27 -8.16 23.64
N LEU B 177 35.68 -6.97 23.67
CA LEU B 177 36.36 -5.83 23.06
C LEU B 177 37.51 -5.33 23.92
N GLN B 178 37.37 -5.38 25.25
CA GLN B 178 38.47 -5.01 26.13
C GLN B 178 39.69 -5.87 25.86
N ALA B 179 39.46 -7.17 25.69
CA ALA B 179 40.53 -8.11 25.35
C ALA B 179 41.18 -7.79 24.02
N LEU B 180 40.40 -7.31 23.05
CA LEU B 180 40.98 -6.93 21.76
C LEU B 180 41.70 -5.60 21.84
N LEU B 181 41.20 -4.67 22.66
CA LEU B 181 41.94 -3.43 22.89
C LEU B 181 43.31 -3.73 23.47
N GLN B 182 43.37 -4.69 24.39
CA GLN B 182 44.66 -5.06 24.98
C GLN B 182 45.55 -5.75 23.95
N SER B 183 44.95 -6.50 23.02
CA SER B 183 45.73 -7.13 21.97
C SER B 183 46.31 -6.13 20.97
N GLY B 184 45.98 -4.84 21.07
CA GLY B 184 46.46 -3.86 20.13
C GLY B 184 45.45 -3.40 19.09
N ALA B 185 44.22 -3.93 19.12
CA ALA B 185 43.21 -3.53 18.15
C ALA B 185 42.59 -2.19 18.53
N GLN B 186 42.18 -1.43 17.50
CA GLN B 186 41.43 -0.21 17.73
C GLN B 186 39.94 -0.48 17.67
N VAL B 187 39.19 0.19 18.55
CA VAL B 187 37.76 -0.01 18.72
C VAL B 187 37.08 1.34 18.86
N ARG B 188 35.99 1.54 18.13
CA ARG B 188 35.15 2.72 18.31
C ARG B 188 33.68 2.32 18.41
N MET B 189 32.96 2.95 19.36
CA MET B 189 31.52 2.79 19.49
C MET B 189 30.80 3.89 18.73
N VAL B 190 29.83 3.51 17.91
CA VAL B 190 29.06 4.47 17.12
C VAL B 190 27.70 4.69 17.78
N ASP B 191 27.42 5.95 18.10
CA ASP B 191 26.18 6.35 18.75
C ASP B 191 25.20 6.74 17.64
N MET B 192 24.66 5.71 16.99
CA MET B 192 23.67 5.92 15.95
C MET B 192 22.41 6.56 16.53
N GLN B 193 22.11 6.27 17.80
CA GLN B 193 20.95 6.85 18.46
C GLN B 193 21.03 8.37 18.48
N LYS B 194 22.20 8.92 18.85
CA LYS B 194 22.38 10.37 18.82
C LYS B 194 22.39 10.91 17.39
N LEU B 195 22.82 10.12 16.41
CA LEU B 195 22.99 10.66 15.06
C LEU B 195 21.73 10.56 14.21
N THR B 196 21.01 9.42 14.28
CA THR B 196 19.88 9.14 13.39
C THR B 196 18.70 8.49 14.09
N HIS B 197 18.73 8.35 15.42
CA HIS B 197 17.76 7.59 16.20
C HIS B 197 17.78 6.10 15.87
N GLY B 198 18.86 5.60 15.25
CA GLY B 198 19.00 4.21 14.91
C GLY B 198 20.07 3.53 15.72
N VAL B 199 20.48 2.34 15.26
CA VAL B 199 21.62 1.62 15.81
C VAL B 199 22.52 1.20 14.67
N LEU B 200 23.75 0.80 15.00
CA LEU B 200 24.69 0.27 14.01
C LEU B 200 24.44 -1.23 13.91
N HIS B 201 23.67 -1.62 12.91
CA HIS B 201 23.23 -3.00 12.83
C HIS B 201 24.06 -3.83 11.87
N THR B 202 24.90 -3.19 11.05
CA THR B 202 25.59 -3.90 9.98
C THR B 202 26.54 -4.94 10.55
N LYS B 203 26.69 -6.03 9.82
CA LYS B 203 27.68 -7.05 10.13
C LYS B 203 28.49 -7.28 8.86
N PHE B 204 29.75 -6.84 8.85
CA PHE B 204 30.62 -7.21 7.75
C PHE B 204 32.07 -7.16 8.19
N TRP B 205 32.92 -7.90 7.46
CA TRP B 205 34.37 -7.95 7.64
C TRP B 205 35.04 -7.57 6.33
N VAL B 206 36.10 -6.76 6.39
CA VAL B 206 36.95 -6.48 5.22
C VAL B 206 38.37 -6.84 5.58
N VAL B 207 38.94 -7.81 4.86
CA VAL B 207 40.25 -8.37 5.16
C VAL B 207 41.24 -7.99 4.06
N ASP B 208 42.30 -7.30 4.46
CA ASP B 208 43.42 -6.93 3.60
C ASP B 208 42.98 -6.11 2.41
N GLN B 209 41.82 -5.44 2.50
CA GLN B 209 41.28 -4.65 1.40
C GLN B 209 41.11 -5.50 0.14
N THR B 210 40.83 -6.80 0.34
CA THR B 210 40.83 -7.78 -0.74
C THR B 210 39.66 -8.77 -0.65
N HIS B 211 39.32 -9.25 0.55
CA HIS B 211 38.18 -10.13 0.79
C HIS B 211 37.15 -9.42 1.67
N PHE B 212 35.91 -9.92 1.68
CA PHE B 212 34.97 -9.46 2.70
C PHE B 212 33.86 -10.48 2.92
N TYR B 213 33.43 -10.58 4.19
CA TYR B 213 32.19 -11.22 4.60
C TYR B 213 31.11 -10.15 4.77
N LEU B 214 29.91 -10.45 4.24
CA LEU B 214 28.72 -9.66 4.48
C LEU B 214 27.58 -10.64 4.67
N GLY B 215 26.79 -10.45 5.71
CA GLY B 215 25.69 -11.37 5.96
C GLY B 215 25.09 -11.11 7.32
N SER B 216 24.42 -12.12 7.84
CA SER B 216 23.56 -11.96 8.99
C SER B 216 24.21 -12.38 10.31
N ALA B 217 25.39 -13.02 10.28
CA ALA B 217 26.00 -13.49 11.52
C ALA B 217 26.62 -12.34 12.32
N ASN B 218 26.25 -12.24 13.59
CA ASN B 218 26.82 -11.30 14.53
C ASN B 218 28.11 -11.84 15.12
N MET B 219 28.83 -10.99 15.86
CA MET B 219 30.03 -11.44 16.58
C MET B 219 29.59 -12.10 17.88
N ASP B 220 29.13 -13.35 17.73
CA ASP B 220 28.35 -14.01 18.77
C ASP B 220 28.50 -15.51 18.56
N TRP B 221 28.93 -16.22 19.61
CA TRP B 221 29.08 -17.67 19.46
C TRP B 221 27.76 -18.36 19.12
N ARG B 222 26.62 -17.76 19.45
CA ARG B 222 25.35 -18.36 19.10
C ARG B 222 25.10 -18.29 17.61
N SER B 223 25.76 -17.34 16.95
CA SER B 223 25.66 -17.15 15.51
C SER B 223 26.36 -18.25 14.72
N LEU B 224 27.14 -19.12 15.37
CA LEU B 224 27.84 -20.17 14.63
C LEU B 224 27.25 -21.55 14.85
N THR B 225 26.48 -21.75 15.92
CA THR B 225 26.04 -23.10 16.27
C THR B 225 24.59 -23.20 16.73
N GLN B 226 23.94 -22.09 17.13
CA GLN B 226 22.61 -22.16 17.72
C GLN B 226 21.58 -21.32 16.98
N VAL B 227 21.93 -20.83 15.78
CA VAL B 227 21.17 -19.82 15.07
C VAL B 227 21.47 -19.97 13.59
N LYS B 228 20.44 -20.08 12.75
CA LYS B 228 20.71 -20.17 11.32
C LYS B 228 21.10 -18.82 10.75
N GLU B 229 22.13 -18.81 9.91
CA GLU B 229 22.71 -17.59 9.37
C GLU B 229 22.95 -17.78 7.88
N LEU B 230 22.92 -16.68 7.12
CA LEU B 230 23.40 -16.70 5.75
C LEU B 230 24.18 -15.42 5.46
N GLY B 231 25.29 -15.59 4.76
CA GLY B 231 26.07 -14.47 4.27
C GLY B 231 26.88 -14.92 3.07
N VAL B 232 27.67 -13.99 2.57
CA VAL B 232 28.53 -14.28 1.43
C VAL B 232 29.93 -13.80 1.78
N VAL B 233 30.93 -14.59 1.39
CA VAL B 233 32.31 -14.15 1.38
C VAL B 233 32.72 -13.96 -0.07
N MET B 234 33.22 -12.78 -0.40
CA MET B 234 33.80 -12.54 -1.70
C MET B 234 35.31 -12.51 -1.54
N TYR B 235 35.97 -13.49 -2.15
CA TYR B 235 37.41 -13.59 -2.14
C TYR B 235 38.00 -12.88 -3.35
N ASN B 236 39.20 -12.33 -3.17
CA ASN B 236 40.03 -11.84 -4.28
C ASN B 236 39.29 -10.80 -5.12
N CYS B 237 38.58 -9.89 -4.44
CA CYS B 237 37.79 -8.86 -5.12
C CYS B 237 38.12 -7.50 -4.49
N SER B 238 39.29 -6.95 -4.83
CA SER B 238 39.79 -5.81 -4.08
C SER B 238 39.02 -4.53 -4.42
N CYS B 239 38.58 -4.36 -5.66
CA CYS B 239 37.83 -3.16 -5.99
C CYS B 239 36.54 -3.10 -5.18
N LEU B 240 35.86 -4.24 -5.00
CA LEU B 240 34.62 -4.26 -4.25
C LEU B 240 34.88 -4.20 -2.74
N ALA B 241 35.91 -4.90 -2.25
CA ALA B 241 36.26 -4.79 -0.84
C ALA B 241 36.69 -3.38 -0.48
N ARG B 242 37.35 -2.67 -1.41
CA ARG B 242 37.70 -1.27 -1.17
C ARG B 242 36.47 -0.39 -1.19
N ASP B 243 35.45 -0.77 -1.96
CA ASP B 243 34.19 -0.03 -1.98
C ASP B 243 33.46 -0.22 -0.66
N LEU B 244 33.57 -1.40 -0.06
CA LEU B 244 32.95 -1.65 1.22
C LEU B 244 33.66 -0.89 2.33
N THR B 245 34.96 -0.69 2.18
CA THR B 245 35.74 0.01 3.19
C THR B 245 35.28 1.46 3.31
N LYS B 246 34.82 2.08 2.22
CA LYS B 246 34.29 3.44 2.29
C LYS B 246 33.07 3.52 3.20
N ILE B 247 32.21 2.49 3.18
CA ILE B 247 31.12 2.42 4.14
C ILE B 247 31.67 2.27 5.56
N PHE B 248 32.67 1.41 5.75
CA PHE B 248 33.28 1.26 7.07
C PHE B 248 33.88 2.58 7.56
N GLU B 249 34.48 3.37 6.66
CA GLU B 249 35.13 4.61 7.07
C GLU B 249 34.15 5.64 7.59
N ALA B 250 32.88 5.56 7.14
CA ALA B 250 31.84 6.42 7.69
C ALA B 250 31.52 6.03 9.13
N TYR B 251 31.35 4.74 9.39
CA TYR B 251 31.19 4.32 10.78
C TYR B 251 32.39 4.78 11.60
N TRP B 252 33.60 4.63 11.04
CA TRP B 252 34.82 4.94 11.77
C TRP B 252 34.87 6.41 12.15
N PHE B 253 34.56 7.28 11.19
CA PHE B 253 34.45 8.71 11.46
C PHE B 253 33.40 9.00 12.52
N LEU B 254 32.25 8.35 12.42
CA LEU B 254 31.17 8.67 13.33
C LEU B 254 31.43 8.16 14.73
N GLY B 255 32.33 7.18 14.88
CA GLY B 255 32.71 6.62 16.16
C GLY B 255 33.63 7.46 17.02
N GLN B 256 33.84 8.72 16.63
CA GLN B 256 34.71 9.63 17.34
C GLN B 256 33.86 10.62 18.14
N ALA B 257 34.35 10.99 19.33
CA ALA B 257 33.68 12.02 20.14
C ALA B 257 33.50 13.30 19.33
N GLY B 258 32.35 13.95 19.51
CA GLY B 258 32.04 15.17 18.78
C GLY B 258 31.52 14.96 17.38
N SER B 259 31.40 13.70 16.96
CA SER B 259 31.01 13.42 15.58
C SER B 259 29.57 13.85 15.32
N SER B 260 29.35 14.46 14.17
CA SER B 260 28.03 14.68 13.60
C SER B 260 28.10 14.31 12.12
N ILE B 261 26.93 14.01 11.56
CA ILE B 261 26.84 13.66 10.15
C ILE B 261 27.07 14.91 9.32
N PRO B 262 28.07 14.93 8.43
CA PRO B 262 28.31 16.13 7.62
C PRO B 262 27.19 16.36 6.61
N SER B 263 27.00 17.64 6.25
CA SER B 263 26.01 17.97 5.22
C SER B 263 26.36 17.32 3.89
N THR B 264 27.65 17.29 3.55
CA THR B 264 28.14 16.62 2.34
C THR B 264 29.36 15.81 2.73
N TRP B 265 29.30 14.51 2.50
CA TRP B 265 30.49 13.72 2.74
C TRP B 265 31.57 14.11 1.73
N PRO B 266 32.84 14.13 2.17
CA PRO B 266 33.95 14.34 1.23
C PRO B 266 34.03 13.21 0.20
N ARG B 267 34.68 13.53 -0.93
CA ARG B 267 34.80 12.57 -2.03
C ARG B 267 35.43 11.26 -1.59
N PHE B 268 36.31 11.31 -0.58
CA PHE B 268 36.95 10.14 0.01
C PHE B 268 35.97 8.98 0.25
N TYR B 269 34.72 9.30 0.56
CA TYR B 269 33.70 8.31 0.89
C TYR B 269 32.81 7.94 -0.29
N ASP B 270 32.78 8.78 -1.32
CA ASP B 270 31.89 8.62 -2.46
C ASP B 270 32.28 7.40 -3.30
N THR B 271 31.33 6.94 -4.11
CA THR B 271 31.53 5.80 -4.98
C THR B 271 30.96 6.11 -6.35
N ARG B 272 31.49 5.42 -7.36
CA ARG B 272 30.96 5.49 -8.72
C ARG B 272 30.10 4.28 -9.02
N TYR B 273 30.06 3.28 -8.12
CA TYR B 273 29.46 1.98 -8.34
C TYR B 273 28.13 1.89 -7.58
N ASN B 274 27.03 1.98 -8.31
CA ASN B 274 25.69 2.07 -7.73
C ASN B 274 24.68 1.43 -8.68
N GLN B 275 23.39 1.61 -8.36
CA GLN B 275 22.31 1.00 -9.13
C GLN B 275 22.33 1.40 -10.60
N GLU B 276 22.62 2.67 -10.89
CA GLU B 276 22.61 3.16 -12.28
C GLU B 276 23.81 2.62 -13.06
N THR B 277 24.97 2.52 -12.42
CA THR B 277 26.20 2.05 -13.04
C THR B 277 26.93 1.13 -12.06
N PRO B 278 26.56 -0.15 -12.03
CA PRO B 278 27.24 -1.10 -11.15
C PRO B 278 28.66 -1.42 -11.60
N MET B 279 29.40 -2.02 -10.69
CA MET B 279 30.75 -2.46 -11.00
C MET B 279 30.69 -3.70 -11.90
N GLU B 280 31.31 -3.61 -13.07
CA GLU B 280 31.55 -4.77 -13.92
C GLU B 280 32.69 -5.58 -13.32
N ILE B 281 32.39 -6.78 -12.84
CA ILE B 281 33.38 -7.67 -12.26
C ILE B 281 33.37 -8.97 -13.05
N CYS B 282 34.41 -9.76 -12.83
CA CYS B 282 34.49 -11.12 -13.35
C CYS B 282 34.32 -12.01 -12.14
N LEU B 283 33.18 -12.69 -12.06
CA LEU B 283 32.77 -13.44 -10.88
C LEU B 283 32.73 -14.92 -11.20
N ASN B 284 33.57 -15.71 -10.53
CA ASN B 284 33.76 -17.11 -10.86
C ASN B 284 33.88 -17.33 -12.37
N GLY B 285 34.63 -16.45 -13.06
CA GLY B 285 34.97 -16.65 -14.45
C GLY B 285 34.02 -16.03 -15.46
N THR B 286 32.84 -15.58 -15.05
CA THR B 286 31.91 -15.00 -16.01
C THR B 286 31.52 -13.58 -15.59
N PRO B 287 31.18 -12.71 -16.54
CA PRO B 287 30.86 -11.31 -16.19
C PRO B 287 29.66 -11.20 -15.24
N ALA B 288 29.73 -10.19 -14.36
CA ALA B 288 28.66 -9.87 -13.42
C ALA B 288 28.63 -8.37 -13.17
N LEU B 289 27.49 -7.89 -12.68
CA LEU B 289 27.31 -6.51 -12.23
C LEU B 289 27.05 -6.55 -10.72
N ALA B 290 27.88 -5.84 -9.95
CA ALA B 290 27.78 -5.83 -8.50
C ALA B 290 27.84 -4.40 -7.98
N TYR B 291 27.12 -4.16 -6.89
CA TYR B 291 27.26 -2.90 -6.18
C TYR B 291 26.80 -3.11 -4.75
N LEU B 292 27.28 -2.24 -3.88
CA LEU B 292 26.95 -2.26 -2.46
C LEU B 292 26.01 -1.10 -2.18
N ALA B 293 24.94 -1.40 -1.43
CA ALA B 293 24.00 -0.38 -1.00
C ALA B 293 24.17 -0.15 0.50
N SER B 294 23.67 0.98 0.98
CA SER B 294 23.95 1.41 2.34
C SER B 294 22.71 2.10 2.92
N ALA B 295 22.59 2.03 4.24
CA ALA B 295 21.55 2.67 5.04
C ALA B 295 22.17 3.19 6.32
N PRO B 296 21.59 4.22 6.92
CA PRO B 296 20.44 5.01 6.47
C PRO B 296 20.86 6.11 5.49
N PRO B 297 19.90 6.81 4.86
CA PRO B 297 20.24 7.80 3.81
C PRO B 297 21.25 8.85 4.25
N PRO B 298 21.19 9.39 5.49
CA PRO B 298 22.22 10.36 5.90
C PRO B 298 23.64 9.84 5.78
N LEU B 299 23.86 8.53 5.84
CA LEU B 299 25.20 7.97 5.74
C LEU B 299 25.60 7.69 4.30
N CYS B 300 24.76 8.04 3.34
CA CYS B 300 25.07 7.75 1.95
C CYS B 300 25.61 8.98 1.28
N PRO B 301 26.86 8.96 0.83
CA PRO B 301 27.33 9.99 -0.10
C PRO B 301 26.51 9.98 -1.39
N SER B 302 26.83 10.96 -2.23
CA SER B 302 26.08 11.20 -3.47
C SER B 302 25.96 9.96 -4.36
N GLY B 303 27.04 9.20 -4.53
CA GLY B 303 26.99 8.09 -5.46
C GLY B 303 26.58 6.75 -4.88
N ARG B 304 26.25 6.69 -3.60
CA ARG B 304 25.92 5.45 -2.92
C ARG B 304 24.41 5.20 -2.98
N THR B 305 24.01 4.08 -3.51
CA THR B 305 22.59 3.72 -3.56
C THR B 305 22.11 3.38 -2.15
N PRO B 306 21.04 4.02 -1.67
CA PRO B 306 20.40 3.60 -0.41
C PRO B 306 19.79 2.20 -0.51
N ASP B 307 19.94 1.45 0.59
CA ASP B 307 19.51 0.05 0.68
C ASP B 307 18.09 -0.16 0.15
N LEU B 308 17.16 0.70 0.56
CA LEU B 308 15.76 0.51 0.18
C LEU B 308 15.57 0.66 -1.33
N LYS B 309 16.25 1.62 -1.95
CA LYS B 309 16.17 1.79 -3.39
C LYS B 309 16.70 0.57 -4.12
N ALA B 310 17.77 -0.02 -3.60
CA ALA B 310 18.33 -1.23 -4.19
C ALA B 310 17.35 -2.37 -4.06
N LEU B 311 16.81 -2.56 -2.86
CA LEU B 311 15.85 -3.62 -2.61
C LEU B 311 14.66 -3.49 -3.53
N LEU B 312 14.05 -2.31 -3.58
CA LEU B 312 12.83 -2.16 -4.37
C LEU B 312 13.11 -2.31 -5.84
N ASN B 313 14.34 -2.04 -6.25
CA ASN B 313 14.69 -2.17 -7.66
C ASN B 313 14.72 -3.62 -8.10
N VAL B 314 15.15 -4.53 -7.22
CA VAL B 314 15.12 -5.95 -7.52
C VAL B 314 13.68 -6.45 -7.55
N VAL B 315 12.85 -5.97 -6.63
CA VAL B 315 11.44 -6.33 -6.60
C VAL B 315 10.74 -5.89 -7.88
N ASP B 316 10.99 -4.65 -8.32
CA ASP B 316 10.29 -4.10 -9.48
C ASP B 316 10.78 -4.69 -10.80
N ASN B 317 11.98 -5.27 -10.83
CA ASN B 317 12.53 -5.87 -12.04
C ASN B 317 12.23 -7.36 -12.16
N ALA B 318 11.74 -8.00 -11.09
CA ALA B 318 11.40 -9.41 -11.18
C ALA B 318 10.27 -9.65 -12.18
N ARG B 319 10.39 -10.74 -12.96
CA ARG B 319 9.40 -11.09 -13.96
C ARG B 319 8.82 -12.49 -13.76
N SER B 320 9.47 -13.36 -12.96
CA SER B 320 8.92 -14.68 -12.66
C SER B 320 8.70 -14.88 -11.17
N PHE B 321 9.74 -14.77 -10.34
CA PHE B 321 9.54 -14.99 -8.92
C PHE B 321 10.40 -14.05 -8.08
N ILE B 322 9.98 -13.90 -6.83
CA ILE B 322 10.71 -13.21 -5.77
C ILE B 322 10.64 -14.11 -4.56
N TYR B 323 11.76 -14.70 -4.16
CA TYR B 323 11.85 -15.43 -2.90
C TYR B 323 12.56 -14.58 -1.87
N VAL B 324 11.95 -14.43 -0.69
CA VAL B 324 12.49 -13.59 0.36
C VAL B 324 12.55 -14.42 1.62
N ALA B 325 13.72 -14.54 2.19
CA ALA B 325 13.89 -15.16 3.49
C ALA B 325 14.42 -14.07 4.40
N VAL B 326 13.61 -13.65 5.37
CA VAL B 326 13.96 -12.56 6.27
C VAL B 326 13.38 -12.86 7.65
N MET B 327 14.15 -12.54 8.69
CA MET B 327 13.78 -12.90 10.05
C MET B 327 12.52 -12.18 10.51
N ASN B 328 12.42 -10.87 10.24
CA ASN B 328 11.23 -10.11 10.55
C ASN B 328 10.80 -9.34 9.32
N TYR B 329 9.50 -9.31 9.06
CA TYR B 329 8.91 -8.47 8.04
C TYR B 329 7.75 -7.72 8.69
N LEU B 330 7.70 -6.42 8.50
CA LEU B 330 6.71 -5.61 9.19
C LEU B 330 6.57 -4.29 8.46
N PRO B 331 5.44 -4.01 7.83
CA PRO B 331 5.27 -2.73 7.12
C PRO B 331 4.94 -1.58 8.07
N THR B 332 5.81 -1.38 9.05
CA THR B 332 5.72 -0.29 10.01
C THR B 332 7.11 0.27 10.28
N LEU B 333 7.15 1.47 10.85
CA LEU B 333 8.32 1.93 11.60
C LEU B 333 8.17 1.40 13.02
N GLU B 334 8.96 0.39 13.36
CA GLU B 334 8.82 -0.32 14.63
C GLU B 334 8.91 0.63 15.84
N PHE B 335 8.26 0.22 16.94
CA PHE B 335 8.34 0.85 18.27
C PHE B 335 8.05 2.36 18.24
N SER B 336 7.37 2.85 17.21
CA SER B 336 6.95 4.25 17.17
C SER B 336 5.66 4.46 17.96
N HIS B 337 5.62 5.54 18.74
CA HIS B 337 4.44 5.93 19.51
C HIS B 337 4.14 7.40 19.18
N PRO B 338 3.06 7.71 18.44
CA PRO B 338 2.01 6.80 17.91
C PRO B 338 2.56 5.86 16.83
N HIS B 339 1.93 4.72 16.52
CA HIS B 339 2.51 3.79 15.56
C HIS B 339 2.41 4.33 14.13
N ARG B 340 3.34 3.90 13.27
CA ARG B 340 3.54 4.47 11.95
C ARG B 340 3.54 3.38 10.88
N PHE B 341 2.74 3.57 9.84
CA PHE B 341 2.53 2.60 8.77
C PHE B 341 3.50 2.89 7.63
N TRP B 342 4.11 1.84 7.09
CA TRP B 342 5.24 1.94 6.17
C TRP B 342 5.11 0.90 5.08
N PRO B 343 4.43 1.22 4.00
CA PRO B 343 4.08 0.17 3.02
C PRO B 343 5.02 0.09 1.84
N ALA B 344 6.24 0.60 1.99
CA ALA B 344 7.14 0.77 0.84
C ALA B 344 7.42 -0.58 0.17
N ILE B 345 7.89 -1.57 0.94
CA ILE B 345 8.14 -2.91 0.43
C ILE B 345 6.82 -3.64 0.14
N ASP B 346 5.92 -3.65 1.12
CA ASP B 346 4.62 -4.31 1.00
C ASP B 346 3.96 -4.02 -0.34
N ASP B 347 3.94 -2.75 -0.72
CA ASP B 347 3.29 -2.39 -1.98
C ASP B 347 4.11 -2.83 -3.19
N GLY B 348 5.43 -2.94 -3.04
CA GLY B 348 6.25 -3.48 -4.10
C GLY B 348 5.92 -4.93 -4.39
N LEU B 349 5.76 -5.73 -3.33
CA LEU B 349 5.36 -7.12 -3.51
C LEU B 349 3.96 -7.25 -4.10
N ARG B 350 3.01 -6.41 -3.66
CA ARG B 350 1.67 -6.43 -4.24
C ARG B 350 1.69 -6.03 -5.71
N ARG B 351 2.39 -4.95 -6.04
CA ARG B 351 2.61 -4.56 -7.43
C ARG B 351 3.22 -5.72 -8.23
N ALA B 352 4.14 -6.49 -7.64
CA ALA B 352 4.80 -7.53 -8.40
C ALA B 352 3.83 -8.63 -8.81
N THR B 353 3.04 -9.16 -7.85
CA THR B 353 2.08 -10.22 -8.19
C THR B 353 0.98 -9.70 -9.07
N TYR B 354 0.39 -8.56 -8.72
CA TYR B 354 -0.81 -8.14 -9.44
C TYR B 354 -0.47 -7.63 -10.85
N GLU B 355 0.58 -6.81 -10.98
CA GLU B 355 0.84 -6.22 -12.28
C GLU B 355 1.59 -7.15 -13.23
N ARG B 356 2.44 -8.03 -12.71
CA ARG B 356 3.36 -8.79 -13.54
C ARG B 356 3.26 -10.27 -13.26
N GLY B 357 2.31 -10.70 -12.43
CA GLY B 357 2.13 -12.11 -12.20
C GLY B 357 3.31 -12.80 -11.57
N VAL B 358 4.15 -12.06 -10.85
CA VAL B 358 5.33 -12.66 -10.23
C VAL B 358 4.90 -13.57 -9.08
N LYS B 359 5.52 -14.75 -8.99
CA LYS B 359 5.27 -15.68 -7.89
C LYS B 359 6.14 -15.26 -6.71
N VAL B 360 5.48 -14.86 -5.62
CA VAL B 360 6.16 -14.28 -4.47
C VAL B 360 6.12 -15.29 -3.34
N ARG B 361 7.28 -15.64 -2.81
CA ARG B 361 7.37 -16.57 -1.69
C ARG B 361 8.09 -15.87 -0.55
N LEU B 362 7.42 -15.75 0.59
CA LEU B 362 7.95 -15.09 1.77
C LEU B 362 8.16 -16.12 2.87
N LEU B 363 9.40 -16.29 3.28
CA LEU B 363 9.78 -17.19 4.35
C LEU B 363 10.21 -16.32 5.52
N ILE B 364 9.32 -16.19 6.51
CA ILE B 364 9.54 -15.35 7.68
C ILE B 364 9.94 -16.23 8.86
N SER B 365 10.86 -15.76 9.67
CA SER B 365 11.22 -16.55 10.85
C SER B 365 10.24 -16.30 12.00
N CYS B 366 10.11 -17.31 12.85
CA CYS B 366 9.26 -17.21 14.03
C CYS B 366 9.95 -17.86 15.22
N TRP B 367 9.82 -17.21 16.36
CA TRP B 367 10.26 -17.74 17.66
C TRP B 367 9.52 -16.93 18.72
N GLY B 368 9.91 -17.14 19.98
CA GLY B 368 9.19 -16.52 21.08
C GLY B 368 9.39 -15.03 21.23
N HIS B 369 10.29 -14.43 20.45
CA HIS B 369 10.49 -12.99 20.52
C HIS B 369 9.90 -12.26 19.31
N SER B 370 9.18 -12.97 18.44
CA SER B 370 8.56 -12.35 17.28
C SER B 370 7.46 -11.38 17.71
N GLU B 371 7.45 -10.20 17.09
CA GLU B 371 6.38 -9.23 17.29
C GLU B 371 5.05 -9.78 16.77
N PRO B 372 4.05 -10.02 17.62
CA PRO B 372 2.83 -10.71 17.14
C PRO B 372 2.01 -9.94 16.13
N SER B 373 2.12 -8.61 16.07
CA SER B 373 1.38 -7.87 15.05
C SER B 373 1.82 -8.24 13.64
N MET B 374 2.95 -8.95 13.49
CA MET B 374 3.40 -9.46 12.21
C MET B 374 2.36 -10.34 11.55
N ARG B 375 1.58 -11.09 12.34
CA ARG B 375 0.64 -12.06 11.78
C ARG B 375 -0.35 -11.40 10.83
N ALA B 376 -1.02 -10.34 11.28
CA ALA B 376 -2.07 -9.71 10.49
C ALA B 376 -1.54 -9.25 9.14
N PHE B 377 -0.39 -8.59 9.12
CA PHE B 377 0.17 -8.15 7.85
C PHE B 377 0.57 -9.32 6.96
N LEU B 378 1.05 -10.41 7.54
CA LEU B 378 1.39 -11.56 6.70
C LEU B 378 0.13 -12.21 6.11
N LEU B 379 -0.94 -12.33 6.91
CA LEU B 379 -2.21 -12.87 6.40
C LEU B 379 -2.80 -11.96 5.34
N SER B 380 -2.51 -10.66 5.43
CA SER B 380 -3.03 -9.71 4.47
C SER B 380 -2.38 -9.89 3.11
N LEU B 381 -1.07 -10.16 3.09
CA LEU B 381 -0.40 -10.49 1.84
C LEU B 381 -0.85 -11.85 1.30
N ALA B 382 -0.93 -12.85 2.17
CA ALA B 382 -1.33 -14.19 1.74
C ALA B 382 -2.73 -14.18 1.11
N ALA B 383 -3.62 -13.29 1.57
CA ALA B 383 -4.97 -13.23 1.02
C ALA B 383 -5.02 -12.84 -0.46
N LEU B 384 -3.93 -12.32 -1.05
CA LEU B 384 -3.97 -11.90 -2.44
C LEU B 384 -3.96 -13.06 -3.43
N ARG B 385 -3.75 -14.30 -2.97
CA ARG B 385 -3.75 -15.45 -3.87
C ARG B 385 -5.11 -15.65 -4.54
N ASP B 386 -5.11 -15.64 -5.87
CA ASP B 386 -6.34 -15.68 -6.65
C ASP B 386 -6.02 -16.27 -8.03
N ASN B 387 -6.62 -17.42 -8.33
CA ASN B 387 -6.35 -18.15 -9.57
C ASN B 387 -6.59 -17.31 -10.82
N HIS B 388 -7.53 -16.37 -10.79
CA HIS B 388 -7.97 -15.74 -12.04
C HIS B 388 -7.20 -14.46 -12.39
N THR B 389 -6.74 -13.66 -11.41
CA THR B 389 -5.78 -12.59 -11.75
C THR B 389 -4.35 -13.09 -11.90
N HIS B 390 -4.07 -14.35 -11.55
CA HIS B 390 -2.72 -14.90 -11.53
C HIS B 390 -1.85 -14.21 -10.49
N SER B 391 -2.48 -13.70 -9.43
CA SER B 391 -1.76 -13.21 -8.26
C SER B 391 -1.43 -14.40 -7.37
N ASP B 392 -0.20 -14.44 -6.86
CA ASP B 392 0.33 -15.67 -6.27
C ASP B 392 1.40 -15.31 -5.23
N ILE B 393 0.95 -14.94 -4.03
CA ILE B 393 1.84 -14.71 -2.90
C ILE B 393 1.61 -15.82 -1.89
N GLN B 394 2.69 -16.41 -1.38
CA GLN B 394 2.57 -17.39 -0.31
C GLN B 394 3.54 -17.06 0.81
N VAL B 395 3.10 -17.31 2.03
CA VAL B 395 3.85 -17.01 3.24
C VAL B 395 4.00 -18.29 4.05
N LYS B 396 5.23 -18.60 4.45
CA LYS B 396 5.51 -19.64 5.43
C LYS B 396 6.40 -19.10 6.54
N LEU B 397 6.27 -19.70 7.71
CA LEU B 397 7.12 -19.43 8.87
C LEU B 397 8.15 -20.55 9.02
N PHE B 398 9.41 -20.13 9.20
CA PHE B 398 10.51 -21.04 9.46
C PHE B 398 10.79 -21.02 10.96
N VAL B 399 10.68 -22.18 11.59
CA VAL B 399 10.85 -22.33 13.03
C VAL B 399 11.98 -23.32 13.26
N VAL B 400 13.01 -22.87 13.98
CA VAL B 400 14.14 -23.69 14.40
C VAL B 400 13.71 -24.40 15.67
N PRO B 401 13.62 -25.73 15.68
CA PRO B 401 13.24 -26.44 16.92
C PRO B 401 14.27 -26.21 17.99
N ALA B 402 13.82 -26.29 19.23
CA ALA B 402 14.68 -26.17 20.40
C ALA B 402 14.27 -27.25 21.38
N ASP B 403 15.19 -28.17 21.71
CA ASP B 403 14.93 -29.09 22.81
C ASP B 403 15.18 -28.37 24.14
N GLU B 404 14.97 -29.09 25.25
CA GLU B 404 14.95 -28.45 26.56
C GLU B 404 16.28 -27.78 26.89
N ALA B 405 17.40 -28.41 26.50
CA ALA B 405 18.69 -27.79 26.76
C ALA B 405 18.91 -26.56 25.87
N GLN B 406 18.61 -26.69 24.57
CA GLN B 406 18.75 -25.55 23.67
C GLN B 406 17.88 -24.37 24.11
N ALA B 407 16.67 -24.65 24.59
CA ALA B 407 15.76 -23.58 24.97
C ALA B 407 16.28 -22.78 26.16
N ARG B 408 17.29 -23.30 26.88
CA ARG B 408 17.87 -22.56 27.99
C ARG B 408 18.78 -21.43 27.55
N ILE B 409 19.28 -21.50 26.32
CA ILE B 409 20.24 -20.51 25.80
C ILE B 409 19.50 -19.23 25.45
N PRO B 410 19.86 -18.10 26.05
CA PRO B 410 19.23 -16.83 25.68
C PRO B 410 19.39 -16.51 24.21
N TYR B 411 18.29 -16.11 23.57
CA TYR B 411 18.31 -15.51 22.23
C TYR B 411 19.00 -16.43 21.21
N ALA B 412 18.43 -17.63 21.06
CA ALA B 412 18.95 -18.60 20.11
C ALA B 412 17.79 -19.40 19.51
N ARG B 413 18.14 -20.34 18.63
CA ARG B 413 17.19 -21.20 17.93
C ARG B 413 16.22 -20.36 17.07
N VAL B 414 16.79 -19.63 16.13
CA VAL B 414 16.00 -18.84 15.19
C VAL B 414 16.80 -18.70 13.90
N ASN B 415 16.09 -18.46 12.81
CA ASN B 415 16.70 -18.28 11.50
C ASN B 415 16.93 -16.78 11.27
N HIS B 416 18.19 -16.35 11.24
CA HIS B 416 18.54 -14.93 11.14
C HIS B 416 18.72 -14.45 9.71
N ASN B 417 18.52 -15.30 8.71
CA ASN B 417 18.86 -14.94 7.33
C ASN B 417 18.10 -13.69 6.84
N LYS B 418 18.71 -12.97 5.88
CA LYS B 418 18.15 -11.72 5.33
C LYS B 418 18.59 -11.62 3.86
N TYR B 419 17.87 -12.31 2.97
CA TYR B 419 18.19 -12.24 1.54
C TYR B 419 16.93 -12.32 0.68
N MET B 420 17.10 -11.92 -0.57
CA MET B 420 16.08 -12.02 -1.58
C MET B 420 16.73 -12.50 -2.87
N VAL B 421 16.08 -13.43 -3.56
CA VAL B 421 16.53 -13.87 -4.88
C VAL B 421 15.33 -13.89 -5.82
N THR B 422 15.54 -13.42 -7.03
CA THR B 422 14.56 -13.50 -8.10
C THR B 422 15.17 -14.38 -9.20
N GLU B 423 14.50 -14.43 -10.35
CA GLU B 423 15.03 -15.20 -11.48
C GLU B 423 16.18 -14.49 -12.18
N ARG B 424 16.57 -13.30 -11.73
CA ARG B 424 17.61 -12.57 -12.44
C ARG B 424 18.52 -11.75 -11.54
N ALA B 425 18.31 -11.75 -10.23
CA ALA B 425 19.14 -10.93 -9.36
C ALA B 425 19.22 -11.58 -7.98
N THR B 426 20.25 -11.19 -7.23
CA THR B 426 20.38 -11.54 -5.82
C THR B 426 20.59 -10.30 -4.95
N TYR B 427 20.13 -10.43 -3.71
CA TYR B 427 20.17 -9.36 -2.73
C TYR B 427 20.50 -10.04 -1.40
N ILE B 428 21.61 -9.67 -0.79
CA ILE B 428 22.00 -10.21 0.51
C ILE B 428 22.21 -9.03 1.44
N GLY B 429 21.57 -9.06 2.61
CA GLY B 429 21.47 -7.88 3.44
C GLY B 429 21.89 -8.18 4.87
N THR B 430 21.93 -7.13 5.65
CA THR B 430 22.13 -7.24 7.08
C THR B 430 20.89 -6.84 7.87
N SER B 431 19.90 -6.24 7.22
CA SER B 431 18.77 -5.61 7.89
C SER B 431 17.49 -6.46 7.80
N ASN B 432 16.67 -6.41 8.85
CA ASN B 432 15.32 -6.93 8.74
C ASN B 432 14.44 -5.96 7.93
N TRP B 433 13.25 -6.42 7.56
CA TRP B 433 12.40 -5.69 6.61
C TRP B 433 11.29 -4.94 7.32
N SER B 434 11.67 -3.86 8.01
CA SER B 434 10.75 -2.87 8.55
C SER B 434 11.42 -1.50 8.44
N GLY B 435 10.61 -0.44 8.57
CA GLY B 435 11.02 0.87 8.09
C GLY B 435 12.25 1.44 8.76
N ASN B 436 12.39 1.20 10.07
CA ASN B 436 13.50 1.79 10.82
C ASN B 436 14.86 1.34 10.28
N TYR B 437 14.95 0.11 9.77
CA TYR B 437 16.19 -0.38 9.20
C TYR B 437 16.58 0.37 7.94
N PHE B 438 15.65 1.04 7.27
CA PHE B 438 15.99 1.71 6.02
C PHE B 438 16.06 3.22 6.15
N THR B 439 15.53 3.80 7.24
CA THR B 439 15.54 5.25 7.45
C THR B 439 16.47 5.71 8.56
N GLU B 440 16.83 4.86 9.50
CA GLU B 440 17.48 5.26 10.74
C GLU B 440 18.67 4.41 11.08
N THR B 441 18.56 3.10 10.90
CA THR B 441 19.56 2.15 11.32
C THR B 441 20.53 1.88 10.17
N ALA B 442 21.77 1.54 10.53
CA ALA B 442 22.83 1.28 9.57
C ALA B 442 22.78 -0.16 9.11
N GLY B 443 22.91 -0.34 7.79
CA GLY B 443 22.85 -1.65 7.16
C GLY B 443 23.55 -1.57 5.83
N THR B 444 23.89 -2.74 5.29
CA THR B 444 24.54 -2.86 4.00
C THR B 444 23.94 -4.05 3.27
N SER B 445 23.94 -3.98 1.95
CA SER B 445 23.44 -5.07 1.15
C SER B 445 24.29 -5.19 -0.11
N LEU B 446 24.44 -6.43 -0.58
CA LEU B 446 25.12 -6.71 -1.84
C LEU B 446 24.09 -7.06 -2.92
N LEU B 447 24.23 -6.40 -4.07
CA LEU B 447 23.38 -6.63 -5.23
C LEU B 447 24.23 -7.14 -6.39
N VAL B 448 23.92 -8.35 -6.86
CA VAL B 448 24.60 -8.98 -7.99
C VAL B 448 23.57 -9.35 -9.05
N THR B 449 23.86 -9.03 -10.31
CA THR B 449 23.18 -9.65 -11.44
C THR B 449 24.23 -10.26 -12.37
N GLN B 450 23.89 -11.39 -12.99
CA GLN B 450 24.87 -12.12 -13.80
C GLN B 450 24.13 -13.02 -14.78
N ASN B 451 24.40 -12.85 -16.07
CA ASN B 451 23.72 -13.62 -17.10
C ASN B 451 24.06 -15.11 -17.00
N GLY B 452 23.17 -15.92 -17.55
CA GLY B 452 23.41 -17.34 -17.69
C GLY B 452 22.82 -18.15 -16.56
N ARG B 453 22.67 -19.44 -16.81
CA ARG B 453 22.28 -20.40 -15.78
C ARG B 453 23.35 -20.47 -14.70
N GLY B 454 22.98 -21.05 -13.57
CA GLY B 454 23.92 -21.24 -12.48
C GLY B 454 24.30 -19.97 -11.73
N GLY B 455 25.47 -20.06 -11.11
CA GLY B 455 26.07 -18.94 -10.44
C GLY B 455 25.57 -18.76 -9.02
N LEU B 456 26.03 -17.66 -8.43
CA LEU B 456 25.57 -17.22 -7.12
C LEU B 456 24.05 -17.21 -6.98
N ARG B 457 23.36 -16.72 -8.02
CA ARG B 457 21.90 -16.67 -8.01
C ARG B 457 21.31 -18.06 -7.86
N SER B 458 21.75 -19.01 -8.70
CA SER B 458 21.25 -20.38 -8.58
C SER B 458 21.49 -20.95 -7.20
N GLN B 459 22.64 -20.67 -6.62
CA GLN B 459 22.95 -21.27 -5.33
C GLN B 459 22.01 -20.75 -4.25
N LEU B 460 21.70 -19.44 -4.28
CA LEU B 460 20.85 -18.85 -3.26
C LEU B 460 19.41 -19.31 -3.43
N GLU B 461 18.96 -19.41 -4.68
CA GLU B 461 17.67 -20.02 -4.97
C GLU B 461 17.57 -21.41 -4.36
N ALA B 462 18.63 -22.22 -4.53
CA ALA B 462 18.62 -23.59 -4.00
C ALA B 462 18.56 -23.60 -2.49
N ILE B 463 19.28 -22.68 -1.83
CA ILE B 463 19.19 -22.60 -0.37
C ILE B 463 17.76 -22.26 0.05
N PHE B 464 17.11 -21.34 -0.69
CA PHE B 464 15.74 -20.96 -0.36
C PHE B 464 14.80 -22.14 -0.50
N LEU B 465 14.79 -22.79 -1.68
CA LEU B 465 13.88 -23.91 -1.92
C LEU B 465 14.08 -25.00 -0.87
N ARG B 466 15.34 -25.25 -0.50
CA ARG B 466 15.60 -26.22 0.55
C ARG B 466 14.89 -25.83 1.85
N ASP B 467 15.00 -24.56 2.26
CA ASP B 467 14.36 -24.12 3.50
C ASP B 467 12.84 -24.07 3.36
N TRP B 468 12.36 -23.70 2.17
CA TRP B 468 10.92 -23.61 1.90
C TRP B 468 10.26 -24.98 2.00
N ASP B 469 10.89 -25.99 1.39
CA ASP B 469 10.36 -27.34 1.33
C ASP B 469 10.71 -28.17 2.57
N SER B 470 11.53 -27.63 3.46
CA SER B 470 11.92 -28.35 4.66
C SER B 470 10.71 -28.56 5.56
N PRO B 471 10.80 -29.44 6.56
CA PRO B 471 9.73 -29.55 7.55
C PRO B 471 9.76 -28.45 8.59
N TYR B 472 10.75 -27.57 8.55
CA TYR B 472 10.80 -26.46 9.48
C TYR B 472 9.98 -25.28 8.99
N SER B 473 9.42 -25.36 7.79
CA SER B 473 8.60 -24.32 7.20
C SER B 473 7.11 -24.67 7.32
N HIS B 474 6.32 -23.69 7.72
CA HIS B 474 4.94 -23.94 8.15
C HIS B 474 4.00 -22.86 7.64
N ASP B 475 2.89 -23.29 7.03
CA ASP B 475 1.81 -22.39 6.64
C ASP B 475 1.24 -21.66 7.85
N LEU B 476 0.59 -20.54 7.59
CA LEU B 476 0.17 -19.67 8.68
C LEU B 476 -0.94 -20.29 9.52
N ASP B 477 -1.67 -21.28 8.99
CA ASP B 477 -2.72 -22.01 9.70
C ASP B 477 -2.20 -23.12 10.61
N THR B 478 -0.88 -23.33 10.66
CA THR B 478 -0.29 -24.41 11.46
C THR B 478 -0.55 -24.15 12.95
N SER B 479 -0.70 -25.24 13.71
CA SER B 479 -0.97 -25.10 15.14
C SER B 479 0.34 -24.86 15.90
N ALA B 480 0.23 -24.11 17.00
CA ALA B 480 1.41 -23.57 17.68
C ALA B 480 2.26 -24.66 18.32
N ASP B 481 1.65 -25.78 18.71
CA ASP B 481 2.35 -26.82 19.45
C ASP B 481 2.96 -27.90 18.54
N SER B 482 2.97 -27.69 17.23
CA SER B 482 3.49 -28.69 16.30
C SER B 482 4.70 -28.18 15.49
N VAL B 483 5.45 -27.20 16.01
CA VAL B 483 6.59 -26.61 15.28
C VAL B 483 7.92 -26.83 15.99
N GLY B 484 7.92 -27.26 17.25
CA GLY B 484 9.15 -27.58 17.95
C GLY B 484 9.76 -26.44 18.73
N ASN B 485 9.05 -25.34 18.91
CA ASN B 485 9.58 -24.17 19.61
C ASN B 485 8.42 -23.21 19.88
N ALA B 486 8.64 -22.31 20.84
CA ALA B 486 7.71 -21.20 21.07
C ALA B 486 7.64 -20.33 19.83
N CYS B 487 6.42 -19.95 19.44
CA CYS B 487 6.24 -19.17 18.22
C CYS B 487 5.03 -18.28 18.42
N ARG B 488 5.25 -16.96 18.35
CA ARG B 488 4.20 -16.00 18.66
C ARG B 488 3.30 -15.70 17.49
N LEU B 489 3.74 -15.96 16.25
CA LEU B 489 2.91 -15.74 15.08
C LEU B 489 1.94 -16.88 14.83
N LEU B 490 2.01 -17.96 15.59
CA LEU B 490 1.02 -19.02 15.47
C LEU B 490 0.14 -19.05 16.72
C1 NAG C . -36.53 26.84 0.37
C2 NAG C . -37.22 26.21 1.60
C3 NAG C . -38.74 26.27 1.43
C4 NAG C . -39.22 27.69 1.07
C5 NAG C . -38.50 28.21 -0.15
C6 NAG C . -38.83 29.66 -0.50
C7 NAG C . -36.95 23.91 0.77
C8 NAG C . -36.42 22.56 1.13
N2 NAG C . -36.78 24.84 1.72
O3 NAG C . -39.38 25.85 2.63
O4 NAG C . -40.61 27.64 0.76
O5 NAG C . -37.10 28.17 0.11
O6 NAG C . -38.49 30.63 0.50
O7 NAG C . -37.55 24.11 -0.30
C1 NAG C . -41.45 28.47 1.56
C2 NAG C . -42.90 28.28 0.99
C3 NAG C . -43.98 28.92 1.88
C4 NAG C . -43.73 28.68 3.37
C5 NAG C . -42.29 29.05 3.71
C6 NAG C . -41.96 28.95 5.18
C7 NAG C . -42.74 29.98 -0.88
C8 NAG C . -42.35 31.07 0.11
N2 NAG C . -42.99 28.75 -0.39
O3 NAG C . -45.25 28.39 1.52
O4 NAG C . -44.63 29.44 4.16
O5 NAG C . -41.43 28.17 2.97
O6 NAG C . -41.42 27.68 5.54
O7 NAG C . -42.83 30.22 -2.08
C1 NAG D . -32.96 20.05 6.68
C2 NAG D . -33.32 18.77 7.45
C3 NAG D . -34.07 17.80 6.56
C4 NAG D . -35.29 18.48 5.98
C5 NAG D . -34.86 19.75 5.24
C6 NAG D . -36.01 20.55 4.66
C7 NAG D . -31.77 18.32 9.31
C8 NAG D . -30.53 17.61 9.73
N2 NAG D . -32.14 18.16 8.03
O3 NAG D . -34.44 16.65 7.31
O4 NAG D . -35.98 17.59 5.10
O5 NAG D . -34.15 20.62 6.13
O6 NAG D . -36.94 20.92 5.67
O7 NAG D . -32.44 19.01 10.09
C1 NAG D . -37.33 17.27 5.46
C2 NAG D . -38.06 16.87 4.15
C3 NAG D . -39.45 16.27 4.44
C4 NAG D . -39.38 15.16 5.48
C5 NAG D . -38.73 15.75 6.73
C6 NAG D . -38.59 14.74 7.86
C7 NAG D . -37.87 17.99 1.96
C8 NAG D . -38.11 19.27 1.21
N2 NAG D . -38.18 18.02 3.27
O3 NAG D . -40.00 15.75 3.23
O4 NAG D . -40.66 14.61 5.75
O5 NAG D . -37.41 16.20 6.41
O6 NAG D . -37.83 15.30 8.92
O7 NAG D . -37.44 16.98 1.40
C1 NAG E . 42.14 -16.26 -4.35
C2 NAG E . 41.74 -17.65 -4.84
C3 NAG E . 42.73 -18.72 -4.37
C4 NAG E . 44.18 -18.30 -4.61
C5 NAG E . 44.43 -16.87 -4.14
C6 NAG E . 45.78 -16.34 -4.57
C7 NAG E . 40.05 -18.11 -3.11
C8 NAG E . 38.64 -18.53 -2.85
N2 NAG E . 40.39 -17.98 -4.40
O3 NAG E . 42.48 -19.92 -5.08
O4 NAG E . 45.04 -19.23 -3.95
O5 NAG E . 43.46 -16.00 -4.73
O6 NAG E . 45.85 -16.32 -5.99
O7 NAG E . 40.86 -17.89 -2.18
C1 NAG E . 45.87 -19.79 -5.00
C2 NAG E . 47.12 -20.55 -4.41
C3 NAG E . 47.68 -21.69 -5.31
C4 NAG E . 46.74 -22.20 -6.41
C5 NAG E . 45.88 -21.06 -6.90
C6 NAG E . 44.91 -21.44 -8.02
C7 NAG E . 48.29 -18.87 -3.01
C8 NAG E . 49.44 -17.91 -2.95
N2 NAG E . 48.18 -19.57 -4.14
O3 NAG E . 48.04 -22.78 -4.48
O4 NAG E . 47.51 -22.76 -7.47
O5 NAG E . 45.11 -20.67 -5.78
O6 NAG E . 44.22 -22.65 -7.76
O7 NAG E . 47.52 -19.02 -2.07
C1 NAG F . 32.91 -19.77 -6.96
C2 NAG F . 31.98 -20.98 -6.74
C3 NAG F . 32.01 -21.40 -5.27
C4 NAG F . 33.44 -21.71 -4.86
C5 NAG F . 34.31 -20.49 -5.11
C6 NAG F . 35.77 -20.73 -4.77
C7 NAG F . 30.17 -20.96 -8.41
C8 NAG F . 28.76 -20.55 -8.70
N2 NAG F . 30.62 -20.67 -7.18
O3 NAG F . 31.15 -22.52 -5.04
O4 NAG F . 33.50 -22.06 -3.48
O5 NAG F . 34.25 -20.08 -6.48
O6 NAG F . 36.34 -21.76 -5.59
O7 NAG F . 30.86 -21.52 -9.26
C1 NAG F . 33.87 -23.42 -3.24
C2 NAG F . 34.40 -23.51 -1.80
C3 NAG F . 34.59 -24.98 -1.38
C4 NAG F . 33.31 -25.77 -1.62
C5 NAG F . 32.87 -25.61 -3.07
C6 NAG F . 31.52 -26.24 -3.34
C7 NAG F . 35.92 -21.93 -0.67
C8 NAG F . 37.27 -21.27 -0.71
N2 NAG F . 35.66 -22.79 -1.67
O3 NAG F . 34.90 -25.02 0.01
O4 NAG F . 33.49 -27.15 -1.31
O5 NAG F . 32.72 -24.21 -3.37
O6 NAG F . 30.48 -25.50 -2.67
O7 NAG F . 35.11 -21.69 0.21
S SO4 G . -22.81 3.64 -12.64
O1 SO4 G . -23.01 3.22 -11.25
O2 SO4 G . -21.50 3.16 -13.07
O3 SO4 G . -22.90 5.09 -12.73
O4 SO4 G . -23.84 3.10 -13.53
S SO4 H . -13.74 36.29 -7.57
O1 SO4 H . -13.78 34.88 -7.16
O2 SO4 H . -12.77 37.03 -6.75
O3 SO4 H . -13.37 36.39 -8.98
O4 SO4 H . -15.07 36.87 -7.38
S SO4 I . -6.50 22.61 -4.14
O1 SO4 I . -6.20 21.60 -5.14
O2 SO4 I . -5.26 23.18 -3.64
O3 SO4 I . -7.23 22.02 -3.04
O4 SO4 I . -7.35 23.64 -4.74
S SO4 J . -20.04 -1.30 13.44
O1 SO4 J . -20.29 -2.76 13.79
O2 SO4 J . -18.69 -0.65 13.55
O3 SO4 J . -21.12 -0.55 14.18
O4 SO4 J . -20.09 -1.26 11.91
S SO4 K . -31.61 -12.62 2.08
O1 SO4 K . -32.38 -13.00 3.38
O2 SO4 K . -30.09 -12.46 1.79
O3 SO4 K . -31.89 -11.15 2.33
O4 SO4 K . -32.20 -13.46 0.91
S SO4 L . -25.36 12.09 16.46
O1 SO4 L . -24.92 11.60 17.84
O2 SO4 L . -24.47 13.29 16.17
O3 SO4 L . -26.87 12.38 16.70
O4 SO4 L . -25.17 10.81 15.59
C1 GOL M . -9.26 24.12 -30.82
O1 GOL M . -8.00 23.40 -30.93
C2 GOL M . -9.45 23.99 -29.35
O2 GOL M . -9.93 22.68 -29.09
C3 GOL M . -10.50 24.97 -29.03
O3 GOL M . -10.75 24.65 -27.64
C1 GOL N . -37.97 25.77 -3.47
O1 GOL N . -38.66 24.67 -2.76
C2 GOL N . -38.24 25.09 -4.89
O2 GOL N . -39.63 24.83 -4.95
C3 GOL N . -37.69 23.64 -4.68
O3 GOL N . -38.39 22.80 -5.66
C1 GOL O . -28.69 0.16 -20.42
O1 GOL O . -29.27 -1.28 -20.31
C2 GOL O . -27.31 0.25 -19.59
O2 GOL O . -26.64 1.58 -19.56
C3 GOL O . -27.69 -0.15 -18.18
O3 GOL O . -26.55 0.12 -17.27
S SO4 P . 20.01 -8.96 14.68
O1 SO4 P . 21.17 -8.24 14.17
O2 SO4 P . 20.44 -9.55 15.95
O3 SO4 P . 19.59 -9.95 13.68
O4 SO4 P . 18.88 -8.05 14.94
S SO4 Q . 29.31 13.91 21.88
O1 SO4 Q . 30.44 13.00 21.68
O2 SO4 Q . 29.73 15.19 22.46
O3 SO4 Q . 28.65 14.20 20.60
O4 SO4 Q . 28.35 13.26 22.77
S SO4 R . 21.90 6.65 -6.33
O1 SO4 R . 22.16 5.29 -6.84
O2 SO4 R . 23.18 7.33 -6.16
O3 SO4 R . 21.09 7.39 -7.30
O4 SO4 R . 21.16 6.64 -5.07
S SO4 S . 42.70 -16.50 1.37
O1 SO4 S . 43.97 -17.08 2.03
O2 SO4 S . 43.49 -15.61 0.38
O3 SO4 S . 41.90 -15.83 2.50
O4 SO4 S . 41.83 -17.60 0.73
#